data_5I04
#
_entry.id   5I04
#
_cell.length_a   114.150
_cell.length_b   114.150
_cell.length_c   120.620
_cell.angle_alpha   90.00
_cell.angle_beta   90.00
_cell.angle_gamma   120.00
#
_symmetry.space_group_name_H-M   'P 65'
#
loop_
_entity.id
_entity.type
_entity.pdbx_description
1 polymer 'Maltose-binding periplasmic protein,Endoglin'
2 branched alpha-D-glucopyranose-(1-4)-alpha-D-glucopyranose
3 non-polymer 2-acetamido-2-deoxy-beta-D-glucopyranose
4 non-polymer 'TRIETHYLENE GLYCOL'
5 water water
#
_entity_poly.entity_id   1
_entity_poly.type   'polypeptide(L)'
_entity_poly.pdbx_seq_one_letter_code
;ETGTKIEEGKLVIWINGDKGYNGLAEVGKKFEKDTGIKVTVEHPDKLEEKFPQVAATGDGPDIIFWAHDRFGGYAQSGLL
AEITPAAAFQDKLYPFTWDAVRYNGKLIAYPIAVEALSLIYNKDLLPNPPKTWEEIPALDKELKAKGKSALMFNLQEPYF
TWPLIAADGGYAFKYAAGKYDIKDVGVDNAGAKAGLTFLVDLIKNKHMNADTDYSIAEHAFNHGETAMTINGPWAWSNID
TSAVNYGVTVLPTFKGQPSKPFVGVLSAGINAASPNKELAKEFLENYLLTDEGLEAVNKDKPLGAVALKSYEEELVKDPR
VAATMENAQKGEIMPNIPQMSAFWYAVRTAVINAASGRQTVDAALAAAQTNAAAETVHCDLQPVGPERGEVTYTTSQVSK
GCVAQAPNAILEVHVLFLEFPTGPSQLELTLQASKQNGTWPREVLLVLSVNSSVFLHLQALGIPLHLAYNSSLVTFQEPP
GVNTTELPSFPKTQILEWAAERGPITSAAELNDPQSILLRLGQAQGSLSFCMLEASQDMGRTLEWRPRTPALVRGCHLEG
VAGHKEAHILRVLPGHSAGPRTVTVKVELSCAPGDLDAVLILQGPPYVSWLIDANHNMQIWTTGEYSFKIFPEKNIRGFK
LPDTPQGLLGEARMLNASIVASFVELPLASIVSLHASSCGGRLQTSHHHHHH
;
_entity_poly.pdbx_strand_id   A
#
loop_
_chem_comp.id
_chem_comp.type
_chem_comp.name
_chem_comp.formula
GLC D-saccharide, alpha linking alpha-D-glucopyranose 'C6 H12 O6'
NAG D-saccharide, beta linking 2-acetamido-2-deoxy-beta-D-glucopyranose 'C8 H15 N O6'
PGE non-polymer 'TRIETHYLENE GLYCOL' 'C6 H14 O4'
#
# COMPACT_ATOMS: atom_id res chain seq x y z
N GLY A 3 -5.18 -9.85 4.27
CA GLY A 3 -5.32 -9.06 3.06
C GLY A 3 -6.06 -9.81 1.96
N THR A 4 -7.14 -9.22 1.46
CA THR A 4 -7.94 -9.82 0.42
C THR A 4 -7.32 -9.49 -0.94
N LYS A 5 -6.97 -10.52 -1.71
CA LYS A 5 -6.41 -10.32 -3.03
C LYS A 5 -7.48 -9.82 -4.00
N ILE A 6 -7.02 -9.26 -5.12
CA ILE A 6 -7.96 -8.82 -6.16
C ILE A 6 -8.58 -10.04 -6.82
N GLU A 7 -9.85 -9.90 -7.19
CA GLU A 7 -10.57 -10.92 -7.92
C GLU A 7 -11.51 -10.21 -8.88
N GLU A 8 -11.50 -10.62 -10.14
CA GLU A 8 -12.38 -10.00 -11.12
C GLU A 8 -13.83 -10.24 -10.72
N GLY A 9 -14.61 -9.16 -10.68
CA GLY A 9 -15.98 -9.21 -10.21
C GLY A 9 -16.18 -8.78 -8.78
N LYS A 10 -15.15 -8.24 -8.12
CA LYS A 10 -15.28 -7.80 -6.74
C LYS A 10 -14.36 -6.61 -6.53
N LEU A 11 -14.59 -5.88 -5.42
CA LEU A 11 -13.85 -4.66 -5.11
C LEU A 11 -13.19 -4.80 -3.75
N VAL A 12 -11.87 -4.57 -3.73
CA VAL A 12 -11.12 -4.42 -2.49
C VAL A 12 -10.84 -2.94 -2.30
N ILE A 13 -10.89 -2.47 -1.05
CA ILE A 13 -10.78 -1.04 -0.74
C ILE A 13 -9.88 -0.88 0.47
N TRP A 14 -8.88 -0.01 0.35
CA TRP A 14 -7.98 0.32 1.45
C TRP A 14 -8.28 1.74 1.92
N ILE A 15 -8.29 1.92 3.25
CA ILE A 15 -8.50 3.23 3.85
C ILE A 15 -7.84 3.22 5.21
N ASN A 16 -7.34 4.39 5.62
CA ASN A 16 -6.61 4.48 6.88
C ASN A 16 -7.48 4.05 8.05
N GLY A 17 -6.84 3.53 9.10
CA GLY A 17 -7.54 2.98 10.24
C GLY A 17 -8.25 4.02 11.10
N ASP A 18 -7.98 5.30 10.89
CA ASP A 18 -8.63 6.36 11.65
C ASP A 18 -9.87 6.90 10.97
N LYS A 19 -10.27 6.33 9.82
CA LYS A 19 -11.38 6.84 9.04
C LYS A 19 -12.65 6.03 9.33
N GLY A 20 -13.72 6.39 8.63
CA GLY A 20 -15.02 5.78 8.85
C GLY A 20 -15.26 4.57 7.97
N TYR A 21 -14.33 3.60 8.03
CA TYR A 21 -14.43 2.43 7.18
C TYR A 21 -15.67 1.59 7.46
N ASN A 22 -16.28 1.74 8.64
CA ASN A 22 -17.53 1.03 8.89
C ASN A 22 -18.64 1.57 8.00
N GLY A 23 -18.84 2.88 7.99
CA GLY A 23 -19.80 3.47 7.09
C GLY A 23 -19.50 3.15 5.64
N LEU A 24 -18.23 3.25 5.24
CA LEU A 24 -17.84 2.91 3.88
C LEU A 24 -18.21 1.48 3.53
N ALA A 25 -17.99 0.56 4.47
CA ALA A 25 -18.41 -0.83 4.26
C ALA A 25 -19.92 -0.93 4.14
N GLU A 26 -20.66 -0.12 4.91
CA GLU A 26 -22.11 -0.06 4.75
C GLU A 26 -22.48 0.31 3.31
N VAL A 27 -21.84 1.35 2.78
CA VAL A 27 -22.03 1.72 1.39
C VAL A 27 -21.73 0.53 0.48
N GLY A 28 -20.67 -0.22 0.82
CA GLY A 28 -20.31 -1.37 0.03
C GLY A 28 -21.37 -2.46 0.05
N LYS A 29 -22.05 -2.62 1.20
CA LYS A 29 -23.15 -3.57 1.27
C LYS A 29 -24.31 -3.11 0.41
N LYS A 30 -24.58 -1.80 0.38
CA LYS A 30 -25.58 -1.28 -0.56
C LYS A 30 -25.20 -1.62 -1.99
N PHE A 31 -24.00 -1.23 -2.41
CA PHE A 31 -23.55 -1.49 -3.78
C PHE A 31 -23.62 -2.98 -4.11
N GLU A 32 -23.30 -3.83 -3.14
CA GLU A 32 -23.37 -5.27 -3.35
C GLU A 32 -24.81 -5.72 -3.56
N LYS A 33 -25.72 -5.25 -2.70
CA LYS A 33 -27.14 -5.56 -2.88
C LYS A 33 -27.60 -5.20 -4.29
N ASP A 34 -27.24 -4.00 -4.75
CA ASP A 34 -27.72 -3.54 -6.05
C ASP A 34 -27.11 -4.34 -7.19
N THR A 35 -25.78 -4.39 -7.25
CA THR A 35 -25.07 -4.94 -8.39
C THR A 35 -24.62 -6.39 -8.19
N GLY A 36 -24.66 -6.90 -6.98
CA GLY A 36 -24.13 -8.22 -6.70
C GLY A 36 -22.62 -8.28 -6.65
N ILE A 37 -21.94 -7.15 -6.59
CA ILE A 37 -20.48 -7.10 -6.50
C ILE A 37 -20.11 -6.89 -5.05
N LYS A 38 -19.47 -7.89 -4.45
CA LYS A 38 -19.05 -7.76 -3.07
C LYS A 38 -17.98 -6.67 -2.94
N VAL A 39 -17.94 -6.03 -1.78
CA VAL A 39 -17.00 -4.96 -1.50
C VAL A 39 -16.37 -5.24 -0.14
N THR A 40 -15.05 -5.39 -0.13
CA THR A 40 -14.30 -5.66 1.09
C THR A 40 -13.49 -4.41 1.44
N VAL A 41 -13.75 -3.84 2.61
CA VAL A 41 -13.05 -2.66 3.09
C VAL A 41 -12.08 -3.09 4.18
N GLU A 42 -10.83 -2.66 4.06
CA GLU A 42 -9.79 -2.99 5.02
C GLU A 42 -8.94 -1.75 5.29
N HIS A 43 -8.25 -1.77 6.42
CA HIS A 43 -7.38 -0.66 6.84
C HIS A 43 -6.04 -1.22 7.29
N PRO A 44 -5.17 -1.57 6.34
CA PRO A 44 -3.83 -2.04 6.71
C PRO A 44 -2.98 -0.92 7.28
N ASP A 45 -2.07 -1.30 8.17
CA ASP A 45 -1.13 -0.33 8.72
C ASP A 45 -0.15 0.11 7.65
N LYS A 46 0.15 1.41 7.62
CA LYS A 46 1.05 1.99 6.62
C LYS A 46 0.64 1.56 5.22
N LEU A 47 -0.65 1.70 4.92
CA LEU A 47 -1.16 1.32 3.60
C LEU A 47 -0.62 2.22 2.50
N GLU A 48 -0.27 3.47 2.84
CA GLU A 48 0.25 4.38 1.82
C GLU A 48 1.64 3.95 1.37
N GLU A 49 2.44 3.39 2.27
CA GLU A 49 3.75 2.86 1.89
C GLU A 49 3.64 1.46 1.31
N LYS A 50 2.58 0.71 1.63
CA LYS A 50 2.42 -0.63 1.09
C LYS A 50 1.91 -0.60 -0.34
N PHE A 51 0.93 0.25 -0.64
CA PHE A 51 0.28 0.24 -1.95
C PHE A 51 1.26 0.26 -3.11
N PRO A 52 2.23 1.17 -3.18
CA PRO A 52 3.11 1.20 -4.36
C PRO A 52 3.86 -0.10 -4.58
N GLN A 53 4.23 -0.81 -3.52
CA GLN A 53 4.94 -2.08 -3.66
C GLN A 53 3.99 -3.18 -4.11
N VAL A 54 2.77 -3.19 -3.59
CA VAL A 54 1.84 -4.29 -3.83
C VAL A 54 1.15 -4.15 -5.19
N ALA A 55 0.89 -2.93 -5.64
CA ALA A 55 0.21 -2.73 -6.91
C ALA A 55 1.07 -3.20 -8.09
N ALA A 56 2.39 -3.07 -7.98
CA ALA A 56 3.28 -3.47 -9.06
C ALA A 56 3.24 -4.98 -9.30
N THR A 57 2.88 -5.76 -8.28
CA THR A 57 2.80 -7.21 -8.44
C THR A 57 1.47 -7.67 -9.03
N GLY A 58 0.50 -6.76 -9.21
CA GLY A 58 -0.79 -7.09 -9.76
C GLY A 58 -1.92 -7.13 -8.75
N ASP A 59 -1.61 -7.30 -7.47
CA ASP A 59 -2.61 -7.35 -6.43
C ASP A 59 -2.75 -5.97 -5.77
N GLY A 60 -3.26 -5.93 -4.55
CA GLY A 60 -3.53 -4.68 -3.87
C GLY A 60 -5.00 -4.36 -3.95
N PRO A 61 -5.42 -3.22 -3.42
CA PRO A 61 -6.83 -2.86 -3.48
C PRO A 61 -7.23 -2.39 -4.87
N ASP A 62 -8.50 -2.59 -5.20
CA ASP A 62 -9.04 -1.97 -6.40
C ASP A 62 -9.08 -0.46 -6.25
N ILE A 63 -9.38 0.02 -5.04
CA ILE A 63 -9.45 1.44 -4.73
C ILE A 63 -8.65 1.69 -3.46
N ILE A 64 -7.86 2.75 -3.46
CA ILE A 64 -7.08 3.15 -2.29
C ILE A 64 -7.56 4.52 -1.85
N PHE A 65 -7.87 4.65 -0.57
CA PHE A 65 -8.31 5.91 0.00
C PHE A 65 -7.16 6.54 0.78
N TRP A 66 -6.80 7.77 0.42
CA TRP A 66 -5.78 8.51 1.17
C TRP A 66 -5.82 9.96 0.73
N ALA A 67 -5.24 10.82 1.57
CA ALA A 67 -5.05 12.21 1.18
C ALA A 67 -4.28 12.30 -0.14
N HIS A 68 -4.57 13.36 -0.90
CA HIS A 68 -4.07 13.46 -2.26
C HIS A 68 -2.55 13.53 -2.33
N ASP A 69 -1.90 13.99 -1.27
CA ASP A 69 -0.47 14.28 -1.33
C ASP A 69 0.35 13.11 -1.84
N ARG A 70 -0.11 11.88 -1.62
CA ARG A 70 0.65 10.70 -2.00
C ARG A 70 0.41 10.28 -3.45
N PHE A 71 -0.76 10.58 -4.00
CA PHE A 71 -1.18 9.96 -5.24
C PHE A 71 -0.27 10.33 -6.41
N GLY A 72 0.27 11.55 -6.41
CA GLY A 72 1.26 11.90 -7.42
C GLY A 72 2.33 10.83 -7.56
N GLY A 73 2.95 10.46 -6.43
CA GLY A 73 3.92 9.39 -6.46
C GLY A 73 3.37 8.19 -7.22
N TYR A 74 2.21 7.69 -6.77
CA TYR A 74 1.61 6.52 -7.40
C TYR A 74 1.48 6.72 -8.90
N ALA A 75 1.05 7.91 -9.33
CA ALA A 75 0.81 8.14 -10.74
C ALA A 75 2.12 8.22 -11.52
N GLN A 76 3.20 8.69 -10.88
CA GLN A 76 4.49 8.72 -11.55
C GLN A 76 4.97 7.32 -11.85
N SER A 77 4.67 6.37 -10.97
CA SER A 77 5.04 4.97 -11.15
C SER A 77 4.06 4.18 -12.00
N GLY A 78 3.03 4.84 -12.54
CA GLY A 78 2.07 4.16 -13.40
C GLY A 78 1.14 3.21 -12.66
N LEU A 79 0.83 3.49 -11.39
CA LEU A 79 0.03 2.60 -10.57
C LEU A 79 -1.42 3.03 -10.43
N LEU A 80 -1.83 4.14 -11.06
CA LEU A 80 -3.19 4.63 -10.97
C LEU A 80 -3.77 4.80 -12.36
N ALA A 81 -5.01 4.37 -12.53
CA ALA A 81 -5.71 4.55 -13.79
C ALA A 81 -6.21 5.98 -13.92
N GLU A 82 -6.32 6.44 -15.15
CA GLU A 82 -6.83 7.79 -15.40
C GLU A 82 -8.32 7.84 -15.14
N ILE A 83 -8.76 8.90 -14.46
CA ILE A 83 -10.17 9.13 -14.19
C ILE A 83 -10.74 10.00 -15.29
N THR A 84 -11.84 9.56 -15.89
CA THR A 84 -12.49 10.26 -17.01
C THR A 84 -13.98 10.40 -16.70
N PRO A 85 -14.34 11.25 -15.75
CA PRO A 85 -15.75 11.41 -15.41
C PRO A 85 -16.45 12.33 -16.41
N ALA A 86 -17.75 12.09 -16.57
CA ALA A 86 -18.54 12.93 -17.45
C ALA A 86 -18.64 14.34 -16.88
N ALA A 87 -18.61 15.34 -17.76
CA ALA A 87 -18.72 16.73 -17.33
C ALA A 87 -19.87 16.91 -16.35
N ALA A 88 -21.01 16.27 -16.63
CA ALA A 88 -22.14 16.31 -15.72
C ALA A 88 -21.72 15.92 -14.30
N PHE A 89 -20.87 14.91 -14.17
CA PHE A 89 -20.41 14.50 -12.86
C PHE A 89 -19.34 15.45 -12.32
N GLN A 90 -18.45 15.92 -13.19
CA GLN A 90 -17.42 16.85 -12.74
C GLN A 90 -18.04 18.07 -12.07
N ASP A 91 -19.18 18.53 -12.59
CA ASP A 91 -19.84 19.70 -12.02
C ASP A 91 -20.38 19.45 -10.62
N LYS A 92 -20.47 18.19 -10.17
CA LYS A 92 -21.03 17.89 -8.86
C LYS A 92 -20.05 18.12 -7.72
N LEU A 93 -18.76 18.25 -7.99
CA LEU A 93 -17.75 18.45 -6.96
C LEU A 93 -17.02 19.77 -7.19
N TYR A 94 -16.49 20.32 -6.12
CA TYR A 94 -15.82 21.61 -6.20
C TYR A 94 -14.60 21.53 -7.11
N PRO A 95 -14.27 22.61 -7.82
CA PRO A 95 -13.11 22.55 -8.73
C PRO A 95 -11.78 22.32 -8.02
N PHE A 96 -11.54 22.99 -6.88
CA PHE A 96 -10.23 22.88 -6.24
C PHE A 96 -9.96 21.46 -5.76
N THR A 97 -11.00 20.72 -5.38
CA THR A 97 -10.82 19.32 -5.03
C THR A 97 -10.40 18.51 -6.24
N TRP A 98 -10.87 18.87 -7.43
CA TRP A 98 -10.34 18.26 -8.65
C TRP A 98 -8.89 18.67 -8.87
N ASP A 99 -8.57 19.93 -8.61
CA ASP A 99 -7.19 20.38 -8.73
C ASP A 99 -6.26 19.54 -7.86
N ALA A 100 -6.73 19.14 -6.68
CA ALA A 100 -5.91 18.33 -5.80
C ALA A 100 -5.50 17.01 -6.46
N VAL A 101 -6.38 16.44 -7.28
CA VAL A 101 -6.12 15.16 -7.94
C VAL A 101 -5.63 15.35 -9.37
N ARG A 102 -5.16 16.54 -9.72
CA ARG A 102 -4.58 16.78 -11.04
C ARG A 102 -3.07 16.56 -10.99
N TYR A 103 -2.58 15.66 -11.84
CA TYR A 103 -1.15 15.41 -11.95
C TYR A 103 -0.81 15.32 -13.43
N ASN A 104 0.01 16.26 -13.90
CA ASN A 104 0.40 16.33 -15.31
C ASN A 104 -0.83 16.41 -16.21
N GLY A 105 -1.82 17.20 -15.80
CA GLY A 105 -3.01 17.42 -16.59
C GLY A 105 -4.04 16.32 -16.51
N LYS A 106 -3.73 15.17 -15.92
CA LYS A 106 -4.67 14.08 -15.79
C LYS A 106 -5.26 14.04 -14.39
N LEU A 107 -6.52 13.60 -14.30
CA LEU A 107 -7.14 13.28 -13.04
C LEU A 107 -6.74 11.86 -12.66
N ILE A 108 -6.18 11.68 -11.47
CA ILE A 108 -5.66 10.39 -11.03
C ILE A 108 -6.51 9.76 -9.94
N ALA A 109 -7.55 10.44 -9.47
CA ALA A 109 -8.37 9.91 -8.38
C ALA A 109 -9.66 10.71 -8.32
N TYR A 110 -10.54 10.30 -7.41
CA TYR A 110 -11.76 11.02 -7.11
C TYR A 110 -11.61 11.74 -5.78
N PRO A 111 -11.87 13.04 -5.70
CA PRO A 111 -11.85 13.72 -4.40
C PRO A 111 -13.08 13.38 -3.58
N ILE A 112 -12.89 13.20 -2.27
CA ILE A 112 -13.95 12.76 -1.39
C ILE A 112 -14.25 13.84 -0.35
N ALA A 113 -13.26 14.16 0.48
CA ALA A 113 -13.45 15.09 1.58
C ALA A 113 -12.26 16.01 1.68
N VAL A 114 -12.40 17.03 2.53
CA VAL A 114 -11.35 18.01 2.79
C VAL A 114 -11.07 17.99 4.29
N GLU A 115 -9.84 17.63 4.64
CA GLU A 115 -9.44 17.46 6.04
C GLU A 115 -8.53 18.61 6.46
N ALA A 116 -8.68 19.04 7.71
CA ALA A 116 -7.79 20.04 8.28
C ALA A 116 -7.82 19.89 9.80
N LEU A 117 -6.65 20.02 10.41
CA LEU A 117 -6.56 19.89 11.86
C LEU A 117 -7.21 21.06 12.56
N SER A 118 -7.80 20.78 13.72
CA SER A 118 -8.44 21.81 14.53
C SER A 118 -8.05 21.59 15.99
N LEU A 119 -8.26 22.66 16.76
CA LEU A 119 -8.00 22.65 18.20
C LEU A 119 -9.25 22.19 18.92
N ILE A 120 -9.16 21.04 19.56
CA ILE A 120 -10.26 20.48 20.34
C ILE A 120 -9.96 20.74 21.81
N TYR A 121 -10.93 21.30 22.53
CA TYR A 121 -10.72 21.66 23.93
C TYR A 121 -11.90 21.18 24.76
N ASN A 122 -11.64 20.97 26.05
CA ASN A 122 -12.65 20.52 26.99
C ASN A 122 -13.33 21.75 27.60
N LYS A 123 -14.63 21.90 27.37
CA LYS A 123 -15.35 23.07 27.86
C LYS A 123 -15.33 23.13 29.38
N ASP A 124 -15.50 21.99 30.05
CA ASP A 124 -15.49 21.98 31.51
C ASP A 124 -14.12 22.38 32.05
N LEU A 125 -13.04 22.00 31.36
CA LEU A 125 -11.69 22.36 31.77
C LEU A 125 -11.28 23.73 31.26
N LEU A 126 -11.76 24.12 30.07
CA LEU A 126 -11.35 25.38 29.43
C LEU A 126 -12.54 26.04 28.78
N PRO A 127 -13.31 26.81 29.54
CA PRO A 127 -14.41 27.58 28.92
C PRO A 127 -13.91 28.60 27.90
N ASN A 128 -12.70 29.12 28.07
CA ASN A 128 -12.13 30.12 27.16
C ASN A 128 -10.74 29.63 26.75
N PRO A 129 -10.63 28.93 25.61
CA PRO A 129 -9.33 28.38 25.22
C PRO A 129 -8.40 29.47 24.74
N PRO A 130 -7.10 29.36 25.00
CA PRO A 130 -6.16 30.40 24.58
C PRO A 130 -6.13 30.60 23.08
N LYS A 131 -5.83 31.84 22.68
CA LYS A 131 -5.73 32.20 21.27
C LYS A 131 -4.30 32.14 20.74
N THR A 132 -3.32 31.83 21.58
CA THR A 132 -1.92 31.84 21.19
C THR A 132 -1.20 30.65 21.79
N TRP A 133 -0.17 30.19 21.06
CA TRP A 133 0.69 29.14 21.58
C TRP A 133 1.46 29.62 22.80
N GLU A 134 1.88 30.88 22.82
CA GLU A 134 2.81 31.37 23.83
C GLU A 134 2.23 31.28 25.23
N GLU A 135 0.91 31.49 25.37
CA GLU A 135 0.31 31.45 26.69
C GLU A 135 0.04 30.04 27.19
N ILE A 136 0.26 29.02 26.35
CA ILE A 136 0.02 27.64 26.79
C ILE A 136 0.85 27.28 28.01
N PRO A 137 2.17 27.47 28.03
CA PRO A 137 2.95 27.09 29.23
C PRO A 137 2.37 27.65 30.54
N ALA A 138 2.16 28.97 30.58
CA ALA A 138 1.58 29.59 31.77
C ALA A 138 0.27 28.91 32.17
N LEU A 139 -0.48 28.42 31.18
CA LEU A 139 -1.74 27.74 31.46
C LEU A 139 -1.50 26.32 31.98
N ASP A 140 -0.49 25.65 31.45
CA ASP A 140 -0.18 24.28 31.86
C ASP A 140 0.35 24.24 33.28
N LYS A 141 0.97 25.31 33.76
CA LYS A 141 1.31 25.37 35.17
C LYS A 141 0.04 25.31 36.03
N GLU A 142 -0.92 26.19 35.73
CA GLU A 142 -2.17 26.21 36.48
C GLU A 142 -2.89 24.87 36.42
N LEU A 143 -2.89 24.23 35.25
CA LEU A 143 -3.62 22.96 35.12
C LEU A 143 -2.88 21.81 35.78
N LYS A 144 -1.55 21.82 35.73
CA LYS A 144 -0.79 20.80 36.45
C LYS A 144 -0.97 20.93 37.95
N ALA A 145 -1.20 22.15 38.45
CA ALA A 145 -1.54 22.30 39.86
C ALA A 145 -2.78 21.50 40.22
N LYS A 146 -3.72 21.35 39.29
CA LYS A 146 -4.94 20.60 39.53
C LYS A 146 -4.85 19.14 39.07
N GLY A 147 -3.66 18.67 38.74
CA GLY A 147 -3.49 17.28 38.32
C GLY A 147 -3.83 17.02 36.88
N LYS A 148 -3.76 18.04 36.01
CA LYS A 148 -4.11 17.92 34.61
C LYS A 148 -2.96 18.46 33.77
N SER A 149 -3.16 18.49 32.45
CA SER A 149 -2.20 19.07 31.53
C SER A 149 -2.92 19.94 30.53
N ALA A 150 -2.18 20.91 29.97
CA ALA A 150 -2.79 21.87 29.06
C ALA A 150 -3.07 21.24 27.70
N LEU A 151 -2.07 20.61 27.10
CA LEU A 151 -2.16 20.16 25.71
C LEU A 151 -1.47 18.82 25.54
N MET A 152 -2.08 17.96 24.73
CA MET A 152 -1.48 16.69 24.35
C MET A 152 -1.96 16.33 22.95
N PHE A 153 -1.03 16.17 22.01
CA PHE A 153 -1.36 15.76 20.66
C PHE A 153 -0.20 14.95 20.10
N ASN A 154 -0.48 14.26 19.00
CA ASN A 154 0.49 13.31 18.42
C ASN A 154 1.73 14.05 17.94
N LEU A 155 2.88 13.70 18.50
CA LEU A 155 4.16 14.27 18.10
C LEU A 155 4.96 13.34 17.21
N GLN A 156 4.46 12.12 16.96
CA GLN A 156 5.19 11.14 16.15
C GLN A 156 4.98 11.33 14.66
N GLU A 157 3.98 12.11 14.25
CA GLU A 157 3.73 12.38 12.84
C GLU A 157 3.91 13.87 12.57
N PRO A 158 4.72 14.25 11.58
CA PRO A 158 4.92 15.69 11.31
C PRO A 158 3.65 16.40 10.89
N TYR A 159 2.63 15.66 10.46
CA TYR A 159 1.37 16.28 10.04
C TYR A 159 0.77 17.09 11.18
N PHE A 160 0.86 16.58 12.41
CA PHE A 160 0.21 17.23 13.54
C PHE A 160 0.98 18.43 14.05
N THR A 161 2.30 18.41 13.95
CA THR A 161 3.13 19.52 14.42
C THR A 161 3.40 20.55 13.34
N TRP A 162 3.08 20.24 12.08
CA TRP A 162 3.31 21.20 11.01
C TRP A 162 2.60 22.53 11.23
N PRO A 163 1.35 22.59 11.71
CA PRO A 163 0.69 23.89 11.88
C PRO A 163 1.54 24.93 12.59
N LEU A 164 2.32 24.51 13.59
CA LEU A 164 3.17 25.46 14.32
C LEU A 164 4.42 25.80 13.53
N ILE A 165 5.00 24.82 12.84
CA ILE A 165 6.20 25.07 12.02
C ILE A 165 5.89 26.06 10.91
N ALA A 166 4.74 25.86 10.23
CA ALA A 166 4.36 26.70 9.11
C ALA A 166 3.82 28.06 9.55
N ALA A 167 3.44 28.20 10.82
CA ALA A 167 2.89 29.46 11.29
C ALA A 167 3.76 30.63 10.86
N ASP A 168 5.08 30.48 10.96
CA ASP A 168 6.03 31.49 10.52
C ASP A 168 6.82 30.91 9.35
N GLY A 169 6.56 31.43 8.15
CA GLY A 169 7.41 31.22 7.00
C GLY A 169 7.77 29.79 6.64
N GLY A 170 7.14 28.80 7.29
CA GLY A 170 7.42 27.41 7.00
C GLY A 170 6.61 26.91 5.82
N TYR A 171 7.26 26.12 4.96
CA TYR A 171 6.58 25.54 3.81
C TYR A 171 7.37 24.33 3.34
N ALA A 172 6.70 23.51 2.52
CA ALA A 172 7.32 22.31 1.96
C ALA A 172 8.04 22.65 0.66
N PHE A 173 7.26 22.93 -0.39
CA PHE A 173 7.80 23.26 -1.70
C PHE A 173 7.17 24.56 -2.17
N LYS A 174 8.01 25.52 -2.57
CA LYS A 174 7.52 26.79 -3.05
C LYS A 174 6.79 26.59 -4.38
N TYR A 175 5.63 27.23 -4.50
CA TYR A 175 4.84 27.16 -5.73
C TYR A 175 4.94 28.50 -6.45
N ALA A 176 5.40 28.45 -7.70
CA ALA A 176 5.54 29.66 -8.50
C ALA A 176 5.54 29.27 -9.98
N ALA A 177 5.11 30.20 -10.81
CA ALA A 177 5.02 29.97 -12.26
C ALA A 177 4.20 28.72 -12.56
N GLY A 178 3.13 28.52 -11.78
CA GLY A 178 2.26 27.38 -11.98
C GLY A 178 2.93 26.03 -11.80
N LYS A 179 3.91 25.96 -10.90
CA LYS A 179 4.65 24.72 -10.69
C LYS A 179 5.30 24.76 -9.32
N TYR A 180 5.49 23.57 -8.74
CA TYR A 180 6.24 23.42 -7.50
C TYR A 180 7.73 23.28 -7.83
N ASP A 181 8.56 24.06 -7.15
CA ASP A 181 10.01 23.99 -7.32
C ASP A 181 10.56 23.00 -6.32
N ILE A 182 10.99 21.83 -6.81
CA ILE A 182 11.47 20.77 -5.92
C ILE A 182 12.83 21.09 -5.33
N LYS A 183 13.56 22.03 -5.91
CA LYS A 183 14.84 22.46 -5.35
C LYS A 183 14.69 23.59 -4.35
N ASP A 184 13.47 24.06 -4.09
CA ASP A 184 13.20 25.12 -3.12
C ASP A 184 12.36 24.53 -2.01
N VAL A 185 12.94 24.39 -0.82
CA VAL A 185 12.29 23.77 0.32
C VAL A 185 12.37 24.72 1.50
N GLY A 186 11.28 24.82 2.26
CA GLY A 186 11.20 25.75 3.37
C GLY A 186 11.13 25.09 4.72
N VAL A 187 11.76 23.93 4.87
CA VAL A 187 11.74 23.22 6.14
C VAL A 187 12.80 23.77 7.10
N ASP A 188 13.93 24.25 6.57
CA ASP A 188 15.04 24.69 7.41
C ASP A 188 15.08 26.20 7.60
N ASN A 189 14.05 26.92 7.16
CA ASN A 189 14.12 28.37 7.21
C ASN A 189 13.94 28.87 8.64
N ALA A 190 13.95 30.19 8.79
CA ALA A 190 13.94 30.80 10.11
C ALA A 190 12.61 30.54 10.82
N GLY A 191 11.49 30.77 10.14
CA GLY A 191 10.20 30.61 10.78
C GLY A 191 9.92 29.18 11.18
N ALA A 192 10.26 28.23 10.32
CA ALA A 192 10.15 26.81 10.70
C ALA A 192 11.01 26.51 11.92
N LYS A 193 12.27 26.97 11.90
CA LYS A 193 13.13 26.82 13.06
C LYS A 193 12.52 27.44 14.31
N ALA A 194 11.71 28.48 14.15
CA ALA A 194 11.13 29.17 15.29
C ALA A 194 9.96 28.39 15.86
N GLY A 195 9.07 27.89 15.00
CA GLY A 195 8.00 27.04 15.48
C GLY A 195 8.52 25.77 16.12
N LEU A 196 9.43 25.07 15.43
CA LEU A 196 10.01 23.86 16.00
C LEU A 196 10.80 24.14 17.27
N THR A 197 11.44 25.31 17.34
CA THR A 197 12.16 25.67 18.57
C THR A 197 11.17 25.94 19.72
N PHE A 198 10.01 26.49 19.41
CA PHE A 198 9.00 26.69 20.45
C PHE A 198 8.44 25.35 20.93
N LEU A 199 8.21 24.42 20.00
CA LEU A 199 7.81 23.07 20.39
C LEU A 199 8.87 22.43 21.29
N VAL A 200 10.13 22.47 20.86
CA VAL A 200 11.22 21.93 21.66
C VAL A 200 11.29 22.62 23.01
N ASP A 201 10.89 23.89 23.08
CA ASP A 201 10.86 24.58 24.36
C ASP A 201 9.71 24.08 25.23
N LEU A 202 8.59 23.70 24.60
CA LEU A 202 7.49 23.11 25.36
C LEU A 202 7.88 21.76 25.95
N ILE A 203 8.47 20.89 25.13
CA ILE A 203 8.92 19.59 25.64
C ILE A 203 10.02 19.79 26.68
N LYS A 204 10.93 20.72 26.41
CA LYS A 204 12.06 20.96 27.31
C LYS A 204 11.60 21.37 28.69
N ASN A 205 10.48 22.08 28.79
CA ASN A 205 9.92 22.50 30.06
C ASN A 205 8.90 21.52 30.61
N LYS A 206 8.79 20.33 30.03
CA LYS A 206 7.89 19.28 30.49
C LYS A 206 6.42 19.71 30.42
N HIS A 207 6.11 20.63 29.50
CA HIS A 207 4.71 20.92 29.19
C HIS A 207 4.11 19.88 28.26
N MET A 208 4.93 19.12 27.56
CA MET A 208 4.49 18.01 26.73
C MET A 208 5.53 16.90 26.80
N ASN A 209 5.07 15.68 26.56
CA ASN A 209 5.93 14.49 26.62
C ASN A 209 6.33 14.11 25.21
N ALA A 210 7.65 14.00 24.97
CA ALA A 210 8.15 13.79 23.62
C ALA A 210 7.67 12.48 23.03
N ASP A 211 7.36 11.48 23.86
CA ASP A 211 6.92 10.18 23.38
C ASP A 211 5.41 10.10 23.22
N THR A 212 4.69 11.20 23.43
CA THR A 212 3.24 11.20 23.24
C THR A 212 2.90 10.91 21.78
N ASP A 213 1.92 10.02 21.59
CA ASP A 213 1.48 9.66 20.24
C ASP A 213 -0.03 9.81 20.11
N TYR A 214 -0.58 9.31 19.00
CA TYR A 214 -2.01 9.42 18.76
C TYR A 214 -2.82 8.77 19.87
N SER A 215 -2.51 7.50 20.18
CA SER A 215 -3.27 6.78 21.20
C SER A 215 -3.19 7.48 22.55
N ILE A 216 -2.00 7.96 22.92
CA ILE A 216 -1.82 8.60 24.22
C ILE A 216 -2.62 9.88 24.30
N ALA A 217 -2.59 10.70 23.24
CA ALA A 217 -3.31 11.97 23.26
C ALA A 217 -4.83 11.74 23.27
N GLU A 218 -5.31 10.83 22.43
CA GLU A 218 -6.74 10.54 22.39
C GLU A 218 -7.22 10.00 23.74
N HIS A 219 -6.54 8.98 24.27
CA HIS A 219 -6.92 8.43 25.56
C HIS A 219 -6.86 9.49 26.65
N ALA A 220 -5.86 10.39 26.58
CA ALA A 220 -5.72 11.41 27.60
C ALA A 220 -6.87 12.41 27.56
N PHE A 221 -7.23 12.86 26.35
CA PHE A 221 -8.28 13.88 26.24
C PHE A 221 -9.66 13.29 26.54
N ASN A 222 -9.91 12.06 26.08
CA ASN A 222 -11.23 11.47 26.27
C ASN A 222 -11.53 11.21 27.73
N HIS A 223 -10.51 10.96 28.55
CA HIS A 223 -10.71 10.71 29.98
C HIS A 223 -10.54 11.95 30.83
N GLY A 224 -10.31 13.11 30.23
CA GLY A 224 -10.23 14.36 30.96
C GLY A 224 -8.88 14.65 31.58
N GLU A 225 -7.83 13.92 31.18
CA GLU A 225 -6.51 14.15 31.75
C GLU A 225 -5.88 15.44 31.23
N THR A 226 -6.19 15.83 29.99
CA THR A 226 -5.68 17.06 29.40
C THR A 226 -6.84 17.91 28.91
N ALA A 227 -6.62 19.22 28.87
CA ALA A 227 -7.65 20.17 28.48
C ALA A 227 -7.71 20.39 26.97
N MET A 228 -6.67 20.02 26.22
CA MET A 228 -6.62 20.33 24.81
C MET A 228 -5.98 19.17 24.04
N THR A 229 -6.36 19.09 22.76
CA THR A 229 -5.78 18.14 21.82
C THR A 229 -5.92 18.74 20.43
N ILE A 230 -5.11 18.25 19.51
CA ILE A 230 -5.14 18.70 18.12
C ILE A 230 -5.48 17.49 17.26
N ASN A 231 -6.55 17.59 16.48
CA ASN A 231 -6.92 16.42 15.68
C ASN A 231 -7.86 16.85 14.56
N GLY A 232 -8.28 15.87 13.77
CA GLY A 232 -9.12 16.11 12.63
C GLY A 232 -10.54 15.62 12.83
N PRO A 233 -11.39 15.82 11.83
CA PRO A 233 -12.81 15.43 11.96
C PRO A 233 -13.00 13.99 12.41
N TRP A 234 -12.21 13.06 11.84
CA TRP A 234 -12.35 11.65 12.17
C TRP A 234 -12.34 11.40 13.67
N ALA A 235 -11.68 12.26 14.45
CA ALA A 235 -11.51 12.03 15.88
C ALA A 235 -12.71 12.47 16.71
N TRP A 236 -13.69 13.19 16.13
CA TRP A 236 -14.81 13.66 16.93
C TRP A 236 -15.66 12.49 17.42
N SER A 237 -15.83 11.46 16.59
CA SER A 237 -16.72 10.36 16.93
C SER A 237 -16.36 9.75 18.29
N ASN A 238 -15.09 9.35 18.46
CA ASN A 238 -14.66 8.76 19.72
C ASN A 238 -14.83 9.72 20.89
N ILE A 239 -14.82 11.02 20.64
CA ILE A 239 -15.08 11.97 21.71
C ILE A 239 -16.56 12.01 22.06
N ASP A 240 -17.43 11.88 21.04
CA ASP A 240 -18.86 11.84 21.30
C ASP A 240 -19.20 10.69 22.24
N THR A 241 -18.64 9.51 21.98
CA THR A 241 -18.84 8.38 22.88
C THR A 241 -18.41 8.73 24.30
N SER A 242 -17.31 9.46 24.45
CA SER A 242 -16.85 9.88 25.76
C SER A 242 -17.78 10.93 26.34
N ALA A 243 -17.82 10.99 27.67
CA ALA A 243 -18.66 11.97 28.36
C ALA A 243 -18.12 13.39 28.25
N VAL A 244 -16.95 13.59 27.64
CA VAL A 244 -16.33 14.90 27.58
C VAL A 244 -17.22 15.87 26.82
N ASN A 245 -17.40 17.07 27.37
CA ASN A 245 -18.06 18.17 26.68
C ASN A 245 -16.97 18.98 25.98
N TYR A 246 -16.92 18.90 24.66
CA TYR A 246 -15.79 19.40 23.89
C TYR A 246 -16.25 20.46 22.89
N GLY A 247 -15.39 21.47 22.71
CA GLY A 247 -15.53 22.42 21.64
C GLY A 247 -14.42 22.28 20.62
N VAL A 248 -14.68 22.71 19.39
CA VAL A 248 -13.73 22.60 18.29
C VAL A 248 -13.57 23.99 17.70
N THR A 249 -12.34 24.52 17.72
CA THR A 249 -12.12 25.90 17.35
C THR A 249 -10.77 26.06 16.65
N VAL A 250 -10.48 27.31 16.30
CA VAL A 250 -9.31 27.66 15.52
C VAL A 250 -8.05 27.42 16.33
N LEU A 251 -6.98 27.04 15.63
CA LEU A 251 -5.70 26.79 16.27
C LEU A 251 -5.13 28.09 16.84
N PRO A 252 -4.25 28.00 17.83
CA PRO A 252 -3.65 29.22 18.38
C PRO A 252 -2.69 29.86 17.39
N THR A 253 -2.45 31.15 17.60
CA THR A 253 -1.49 31.89 16.80
C THR A 253 -0.10 31.78 17.41
N PHE A 254 0.91 31.79 16.54
CA PHE A 254 2.30 31.76 16.95
C PHE A 254 3.00 32.98 16.37
N LYS A 255 3.67 33.74 17.24
CA LYS A 255 4.28 35.01 16.84
C LYS A 255 3.26 35.93 16.16
N GLY A 256 2.03 35.88 16.64
CA GLY A 256 0.96 36.68 16.09
C GLY A 256 0.40 36.21 14.77
N GLN A 257 0.91 35.10 14.23
CA GLN A 257 0.46 34.59 12.95
C GLN A 257 -0.34 33.30 13.14
N PRO A 258 -1.36 33.06 12.30
CA PRO A 258 -2.20 31.88 12.51
C PRO A 258 -1.46 30.60 12.18
N SER A 259 -1.81 29.54 12.91
CA SER A 259 -1.29 28.22 12.60
C SER A 259 -1.76 27.81 11.21
N LYS A 260 -0.82 27.36 10.38
CA LYS A 260 -1.11 26.96 9.00
C LYS A 260 -1.05 25.44 8.91
N PRO A 261 -2.16 24.73 9.06
CA PRO A 261 -2.15 23.28 8.88
C PRO A 261 -2.11 22.91 7.40
N PHE A 262 -1.64 21.69 7.15
CA PHE A 262 -1.69 21.14 5.81
C PHE A 262 -3.11 20.65 5.55
N VAL A 263 -3.73 21.17 4.49
CA VAL A 263 -5.08 20.77 4.12
C VAL A 263 -4.98 19.53 3.24
N GLY A 264 -5.55 18.43 3.71
CA GLY A 264 -5.64 17.22 2.93
C GLY A 264 -6.97 17.10 2.23
N VAL A 265 -6.99 16.30 1.17
CA VAL A 265 -8.20 16.02 0.42
C VAL A 265 -8.30 14.50 0.34
N LEU A 266 -9.11 13.91 1.22
CA LEU A 266 -9.34 12.47 1.15
C LEU A 266 -9.80 12.11 -0.26
N SER A 267 -9.04 11.23 -0.90
CA SER A 267 -9.25 10.89 -2.29
C SER A 267 -9.26 9.38 -2.45
N ALA A 268 -9.87 8.94 -3.55
CA ALA A 268 -9.97 7.51 -3.89
C ALA A 268 -9.31 7.31 -5.25
N GLY A 269 -8.19 6.59 -5.25
CA GLY A 269 -7.50 6.24 -6.48
C GLY A 269 -7.85 4.84 -6.92
N ILE A 270 -7.94 4.65 -8.23
CA ILE A 270 -8.28 3.36 -8.83
C ILE A 270 -6.98 2.68 -9.25
N ASN A 271 -6.73 1.49 -8.69
CA ASN A 271 -5.50 0.76 -8.97
C ASN A 271 -5.40 0.42 -10.46
N ALA A 272 -4.23 0.70 -11.04
CA ALA A 272 -4.00 0.35 -12.44
C ALA A 272 -3.92 -1.15 -12.65
N ALA A 273 -3.72 -1.92 -11.59
CA ALA A 273 -3.73 -3.37 -11.67
C ALA A 273 -5.14 -3.95 -11.54
N SER A 274 -6.15 -3.11 -11.35
CA SER A 274 -7.50 -3.59 -11.12
C SER A 274 -8.15 -3.98 -12.45
N PRO A 275 -8.75 -5.16 -12.56
CA PRO A 275 -9.63 -5.44 -13.70
C PRO A 275 -11.03 -4.85 -13.53
N ASN A 276 -11.35 -4.33 -12.35
CA ASN A 276 -12.68 -3.83 -12.01
C ASN A 276 -12.77 -2.31 -12.12
N LYS A 277 -11.93 -1.69 -12.95
CA LYS A 277 -11.90 -0.24 -13.04
C LYS A 277 -13.30 0.33 -13.25
N GLU A 278 -14.06 -0.25 -14.18
CA GLU A 278 -15.39 0.28 -14.48
C GLU A 278 -16.32 0.11 -13.28
N LEU A 279 -16.21 -1.01 -12.56
CA LEU A 279 -17.00 -1.19 -11.35
C LEU A 279 -16.59 -0.20 -10.27
N ALA A 280 -15.29 0.12 -10.17
CA ALA A 280 -14.84 1.08 -9.19
C ALA A 280 -15.31 2.49 -9.53
N LYS A 281 -15.39 2.82 -10.82
CA LYS A 281 -15.92 4.11 -11.23
C LYS A 281 -17.42 4.18 -10.96
N GLU A 282 -18.15 3.10 -11.25
CA GLU A 282 -19.56 3.04 -10.91
C GLU A 282 -19.76 3.24 -9.42
N PHE A 283 -19.04 2.49 -8.59
CA PHE A 283 -19.18 2.60 -7.14
C PHE A 283 -18.87 4.01 -6.67
N LEU A 284 -17.71 4.55 -7.06
CA LEU A 284 -17.29 5.85 -6.54
C LEU A 284 -18.22 6.96 -7.01
N GLU A 285 -18.63 6.93 -8.28
CA GLU A 285 -19.42 8.03 -8.82
C GLU A 285 -20.88 7.98 -8.39
N ASN A 286 -21.51 6.82 -8.53
CA ASN A 286 -22.96 6.71 -8.37
C ASN A 286 -23.40 6.22 -7.00
N TYR A 287 -22.47 5.88 -6.11
CA TYR A 287 -22.84 5.37 -4.80
C TYR A 287 -22.13 6.13 -3.68
N LEU A 288 -20.80 6.08 -3.67
CA LEU A 288 -20.05 6.69 -2.57
C LEU A 288 -20.29 8.20 -2.52
N LEU A 289 -20.19 8.87 -3.66
CA LEU A 289 -20.31 10.33 -3.70
C LEU A 289 -21.77 10.71 -3.94
N THR A 290 -22.54 10.61 -2.87
CA THR A 290 -23.94 11.02 -2.85
C THR A 290 -24.24 11.50 -1.44
N ASP A 291 -25.37 12.20 -1.29
CA ASP A 291 -25.83 12.56 0.05
C ASP A 291 -25.87 11.32 0.94
N GLU A 292 -26.43 10.23 0.42
CA GLU A 292 -26.62 9.03 1.23
C GLU A 292 -25.28 8.39 1.58
N GLY A 293 -24.42 8.19 0.58
CA GLY A 293 -23.15 7.53 0.86
C GLY A 293 -22.26 8.32 1.81
N LEU A 294 -22.01 9.59 1.47
CA LEU A 294 -21.20 10.43 2.35
C LEU A 294 -21.84 10.58 3.72
N GLU A 295 -23.17 10.51 3.81
CA GLU A 295 -23.81 10.52 5.11
C GLU A 295 -23.50 9.24 5.89
N ALA A 296 -23.58 8.10 5.22
CA ALA A 296 -23.26 6.83 5.87
C ALA A 296 -21.83 6.83 6.40
N VAL A 297 -20.88 7.32 5.60
CA VAL A 297 -19.49 7.37 6.05
C VAL A 297 -19.34 8.37 7.20
N ASN A 298 -19.90 9.56 7.03
CA ASN A 298 -19.72 10.62 8.02
C ASN A 298 -20.36 10.25 9.35
N LYS A 299 -21.40 9.42 9.34
CA LYS A 299 -21.99 8.95 10.59
C LYS A 299 -20.98 8.17 11.41
N ASP A 300 -20.19 7.31 10.76
CA ASP A 300 -19.18 6.53 11.47
C ASP A 300 -18.05 7.44 11.97
N LYS A 301 -17.41 8.16 11.05
CA LYS A 301 -16.33 9.08 11.39
C LYS A 301 -16.53 10.33 10.54
N PRO A 302 -16.57 11.53 11.14
CA PRO A 302 -16.78 12.73 10.33
C PRO A 302 -15.69 12.90 9.28
N LEU A 303 -16.12 13.14 8.04
CA LEU A 303 -15.19 13.39 6.95
C LEU A 303 -14.70 14.82 6.90
N GLY A 304 -15.28 15.72 7.70
CA GLY A 304 -15.01 17.13 7.57
C GLY A 304 -15.87 17.76 6.51
N ALA A 305 -15.28 18.59 5.66
CA ALA A 305 -15.98 19.16 4.52
C ALA A 305 -15.82 18.23 3.32
N VAL A 306 -16.94 17.85 2.70
CA VAL A 306 -16.91 16.91 1.60
C VAL A 306 -16.75 17.67 0.29
N ALA A 307 -16.16 16.98 -0.70
CA ALA A 307 -16.00 17.57 -2.02
C ALA A 307 -17.34 17.71 -2.73
N LEU A 308 -18.30 16.85 -2.41
CA LEU A 308 -19.61 16.92 -3.05
C LEU A 308 -20.38 18.13 -2.55
N LYS A 309 -20.87 18.96 -3.49
CA LYS A 309 -21.48 20.22 -3.12
C LYS A 309 -22.82 20.02 -2.41
N SER A 310 -23.66 19.13 -2.94
CA SER A 310 -25.01 18.97 -2.39
C SER A 310 -24.97 18.61 -0.92
N TYR A 311 -24.09 17.68 -0.52
CA TYR A 311 -24.02 17.29 0.88
C TYR A 311 -23.18 18.25 1.70
N GLU A 312 -22.24 18.96 1.07
CA GLU A 312 -21.49 19.97 1.79
C GLU A 312 -22.41 21.07 2.29
N GLU A 313 -23.40 21.46 1.47
CA GLU A 313 -24.33 22.50 1.90
C GLU A 313 -25.07 22.12 3.18
N GLU A 314 -25.25 20.82 3.43
CA GLU A 314 -25.80 20.35 4.69
C GLU A 314 -24.75 20.23 5.78
N LEU A 315 -23.54 19.76 5.44
CA LEU A 315 -22.52 19.54 6.46
C LEU A 315 -22.01 20.84 7.06
N VAL A 316 -21.95 21.91 6.27
CA VAL A 316 -21.44 23.17 6.77
C VAL A 316 -22.27 23.68 7.95
N LYS A 317 -23.51 23.20 8.10
CA LYS A 317 -24.32 23.56 9.26
C LYS A 317 -23.75 23.01 10.55
N ASP A 318 -22.86 22.02 10.47
CA ASP A 318 -22.16 21.53 11.65
C ASP A 318 -21.11 22.55 12.07
N PRO A 319 -21.16 23.09 13.29
CA PRO A 319 -20.14 24.08 13.68
C PRO A 319 -18.74 23.48 13.74
N ARG A 320 -18.64 22.17 13.98
CA ARG A 320 -17.33 21.53 13.97
C ARG A 320 -16.72 21.54 12.58
N VAL A 321 -17.53 21.23 11.56
CA VAL A 321 -17.08 21.34 10.17
C VAL A 321 -16.75 22.79 9.84
N ALA A 322 -17.53 23.72 10.41
CA ALA A 322 -17.24 25.14 10.18
C ALA A 322 -15.87 25.51 10.73
N ALA A 323 -15.51 24.97 11.90
CA ALA A 323 -14.18 25.23 12.44
C ALA A 323 -13.11 24.58 11.58
N THR A 324 -13.35 23.34 11.13
CA THR A 324 -12.42 22.70 10.21
C THR A 324 -12.16 23.58 8.99
N MET A 325 -13.22 24.16 8.43
CA MET A 325 -13.05 25.06 7.30
C MET A 325 -12.28 26.32 7.71
N GLU A 326 -12.57 26.85 8.90
CA GLU A 326 -11.88 28.05 9.35
C GLU A 326 -10.38 27.83 9.40
N ASN A 327 -9.94 26.69 9.96
CA ASN A 327 -8.52 26.39 9.99
C ASN A 327 -7.98 26.09 8.59
N ALA A 328 -8.74 25.37 7.78
CA ALA A 328 -8.28 25.03 6.44
C ALA A 328 -8.02 26.29 5.62
N GLN A 329 -8.87 27.30 5.78
CA GLN A 329 -8.72 28.53 5.02
C GLN A 329 -7.38 29.20 5.32
N LYS A 330 -6.83 28.96 6.50
CA LYS A 330 -5.59 29.60 6.91
C LYS A 330 -4.34 28.79 6.55
N GLY A 331 -4.50 27.57 6.04
CA GLY A 331 -3.39 26.69 5.76
C GLY A 331 -3.13 26.55 4.28
N GLU A 332 -2.38 25.49 3.93
CA GLU A 332 -1.97 25.24 2.55
C GLU A 332 -2.32 23.80 2.19
N ILE A 333 -3.14 23.64 1.15
CA ILE A 333 -3.34 22.34 0.55
C ILE A 333 -1.99 21.73 0.20
N MET A 334 -1.81 20.46 0.59
CA MET A 334 -0.54 19.80 0.39
C MET A 334 -0.21 19.69 -1.10
N PRO A 335 1.06 19.77 -1.46
CA PRO A 335 1.44 19.44 -2.84
C PRO A 335 1.21 17.95 -3.10
N ASN A 336 0.90 17.63 -4.35
CA ASN A 336 0.62 16.25 -4.74
C ASN A 336 1.75 15.63 -5.56
N ILE A 337 2.96 16.20 -5.45
CA ILE A 337 4.07 15.79 -6.32
C ILE A 337 4.68 14.48 -5.84
N PRO A 338 5.37 13.74 -6.70
CA PRO A 338 5.99 12.48 -6.25
C PRO A 338 6.98 12.67 -5.12
N GLN A 339 7.61 13.84 -5.02
CA GLN A 339 8.62 14.08 -3.97
C GLN A 339 8.11 14.22 -2.54
N MET A 340 6.78 14.28 -2.37
CA MET A 340 6.20 14.51 -1.05
C MET A 340 6.58 13.39 -0.10
N SER A 341 6.48 12.14 -0.54
CA SER A 341 6.90 11.03 0.30
C SER A 341 8.24 11.35 0.93
N ALA A 342 9.25 11.66 0.11
CA ALA A 342 10.58 11.88 0.68
C ALA A 342 10.51 13.00 1.70
N PHE A 343 9.91 14.12 1.31
CA PHE A 343 9.75 15.24 2.21
C PHE A 343 9.23 14.75 3.55
N TRP A 344 8.10 14.03 3.54
CA TRP A 344 7.52 13.60 4.80
C TRP A 344 8.53 12.85 5.64
N TYR A 345 9.14 11.81 5.06
CA TYR A 345 10.16 11.06 5.77
C TYR A 345 11.11 12.02 6.46
N ALA A 346 11.74 12.90 5.69
CA ALA A 346 12.71 13.83 6.25
C ALA A 346 12.09 14.56 7.44
N VAL A 347 11.00 15.29 7.21
CA VAL A 347 10.42 16.11 8.27
C VAL A 347 10.17 15.25 9.50
N ARG A 348 9.61 14.06 9.29
CA ARG A 348 9.35 13.16 10.40
C ARG A 348 10.62 13.00 11.23
N THR A 349 11.66 12.42 10.62
CA THR A 349 12.88 12.14 11.36
C THR A 349 13.44 13.40 11.99
N ALA A 350 13.22 14.55 11.36
CA ALA A 350 13.67 15.79 11.96
C ALA A 350 12.95 16.04 13.27
N VAL A 351 11.61 16.19 13.20
CA VAL A 351 10.86 16.53 14.40
C VAL A 351 11.23 15.57 15.52
N ILE A 352 11.09 14.26 15.26
CA ILE A 352 11.42 13.26 16.26
C ILE A 352 12.81 13.55 16.85
N ASN A 353 13.84 13.59 15.99
CA ASN A 353 15.19 13.76 16.50
C ASN A 353 15.35 15.07 17.25
N ALA A 354 14.68 16.12 16.79
CA ALA A 354 14.79 17.39 17.48
C ALA A 354 14.06 17.37 18.81
N ALA A 355 12.95 16.62 18.90
CA ALA A 355 12.18 16.59 20.13
C ALA A 355 12.82 15.68 21.17
N SER A 356 13.43 14.58 20.72
CA SER A 356 14.11 13.67 21.63
C SER A 356 15.43 14.23 22.15
N GLY A 357 15.91 15.35 21.60
CA GLY A 357 17.18 15.93 22.01
C GLY A 357 18.39 15.39 21.30
N ARG A 358 18.21 14.39 20.42
CA ARG A 358 19.35 13.83 19.69
C ARG A 358 19.98 14.85 18.75
N GLN A 359 19.24 15.89 18.35
CA GLN A 359 19.76 16.91 17.47
C GLN A 359 19.26 18.28 17.92
N THR A 360 20.03 19.31 17.57
CA THR A 360 19.53 20.67 17.69
C THR A 360 18.54 20.95 16.56
N VAL A 361 17.62 21.88 16.82
CA VAL A 361 16.65 22.26 15.80
C VAL A 361 17.35 22.61 14.50
N ASP A 362 18.46 23.34 14.59
CA ASP A 362 19.19 23.74 13.39
C ASP A 362 19.74 22.54 12.65
N ALA A 363 20.41 21.63 13.37
CA ALA A 363 20.94 20.44 12.74
C ALA A 363 19.83 19.55 12.20
N ALA A 364 18.78 19.36 13.00
CA ALA A 364 17.67 18.49 12.58
C ALA A 364 17.02 19.02 11.30
N LEU A 365 16.84 20.33 11.20
CA LEU A 365 16.12 20.89 10.06
C LEU A 365 17.02 21.01 8.83
N ALA A 366 18.28 21.41 9.00
CA ALA A 366 19.21 21.34 7.90
C ALA A 366 19.26 19.92 7.33
N ALA A 367 19.46 18.93 8.21
CA ALA A 367 19.42 17.54 7.79
C ALA A 367 18.12 17.20 7.07
N ALA A 368 16.99 17.69 7.58
CA ALA A 368 15.71 17.45 6.91
C ALA A 368 15.76 17.96 5.47
N GLN A 369 16.23 19.19 5.29
CA GLN A 369 16.37 19.77 3.96
C GLN A 369 17.21 18.88 3.06
N THR A 370 18.26 18.27 3.60
CA THR A 370 19.10 17.42 2.77
C THR A 370 18.43 16.08 2.45
N ASN A 371 17.79 15.46 3.45
CA ASN A 371 17.14 14.17 3.23
C ASN A 371 15.92 14.30 2.32
N ALA A 372 15.26 15.45 2.33
CA ALA A 372 14.08 15.65 1.48
C ALA A 372 14.43 15.58 0.01
N ALA A 373 15.70 15.74 -0.35
CA ALA A 373 16.11 15.67 -1.75
C ALA A 373 15.69 14.34 -2.35
N ALA A 374 15.06 14.39 -3.52
CA ALA A 374 14.49 13.21 -4.16
C ALA A 374 15.25 12.86 -5.43
N GLU A 375 15.09 11.61 -5.85
CA GLU A 375 15.80 11.08 -7.00
C GLU A 375 15.37 11.77 -8.29
N THR A 376 16.27 11.76 -9.27
CA THR A 376 15.95 12.29 -10.58
C THR A 376 14.88 11.42 -11.25
N VAL A 377 13.93 12.09 -11.90
CA VAL A 377 12.82 11.41 -12.58
C VAL A 377 13.13 11.42 -14.07
N HIS A 378 13.19 10.23 -14.68
CA HIS A 378 13.52 10.12 -16.10
C HIS A 378 12.29 9.97 -16.98
N CYS A 379 11.17 9.50 -16.46
CA CYS A 379 9.94 9.42 -17.22
C CYS A 379 8.78 9.14 -16.28
N ASP A 380 7.58 9.34 -16.78
CA ASP A 380 6.34 8.99 -16.08
C ASP A 380 5.86 7.65 -16.62
N LEU A 381 5.79 6.65 -15.74
CA LEU A 381 5.40 5.33 -16.17
C LEU A 381 3.91 5.26 -16.45
N GLN A 382 3.55 4.33 -17.35
CA GLN A 382 2.17 4.19 -17.81
C GLN A 382 1.84 2.70 -17.88
N PRO A 383 0.67 2.29 -17.40
CA PRO A 383 0.29 0.88 -17.53
C PRO A 383 0.27 0.46 -18.99
N VAL A 384 0.67 -0.79 -19.24
CA VAL A 384 0.72 -1.35 -20.58
C VAL A 384 -0.39 -2.38 -20.71
N GLY A 385 -1.10 -2.34 -21.82
CA GLY A 385 -2.21 -3.23 -22.04
C GLY A 385 -1.75 -4.64 -22.39
N PRO A 386 -2.68 -5.59 -22.31
CA PRO A 386 -2.30 -6.99 -22.63
C PRO A 386 -1.81 -7.16 -24.06
N GLU A 387 -2.42 -6.46 -25.02
CA GLU A 387 -2.03 -6.60 -26.41
C GLU A 387 -0.55 -6.26 -26.62
N ARG A 388 -0.01 -5.33 -25.82
CA ARG A 388 1.38 -4.92 -25.99
C ARG A 388 2.35 -5.87 -25.28
N GLY A 389 2.00 -6.32 -24.08
CA GLY A 389 2.88 -7.22 -23.34
C GLY A 389 2.15 -7.94 -22.24
N GLU A 390 2.69 -9.10 -21.87
CA GLU A 390 2.16 -9.95 -20.81
C GLU A 390 3.31 -10.59 -20.05
N VAL A 391 3.16 -10.69 -18.74
CA VAL A 391 4.20 -11.26 -17.88
C VAL A 391 3.55 -12.25 -16.92
N THR A 392 3.94 -13.51 -17.03
CA THR A 392 3.49 -14.55 -16.11
C THR A 392 4.71 -15.07 -15.36
N TYR A 393 4.50 -15.55 -14.14
CA TYR A 393 5.63 -15.95 -13.31
C TYR A 393 5.21 -17.03 -12.32
N THR A 394 6.23 -17.68 -11.75
CA THR A 394 6.05 -18.65 -10.67
C THR A 394 6.79 -18.12 -9.45
N THR A 395 6.16 -18.21 -8.29
CA THR A 395 6.75 -17.70 -7.06
C THR A 395 6.62 -18.73 -5.95
N SER A 396 7.45 -18.56 -4.93
CA SER A 396 7.38 -19.35 -3.71
C SER A 396 6.55 -18.67 -2.62
N GLN A 397 6.16 -17.40 -2.84
CA GLN A 397 5.43 -16.65 -1.84
C GLN A 397 3.94 -16.97 -1.93
N VAL A 398 3.26 -16.84 -0.79
CA VAL A 398 1.85 -17.16 -0.68
C VAL A 398 1.16 -16.14 0.20
N SER A 399 -0.16 -16.00 0.02
CA SER A 399 -0.94 -15.09 0.84
C SER A 399 -0.84 -15.46 2.31
N LYS A 400 -0.97 -16.75 2.63
CA LYS A 400 -0.73 -17.29 3.96
C LYS A 400 -0.03 -18.63 3.77
N GLY A 401 0.93 -18.93 4.64
CA GLY A 401 1.68 -20.15 4.48
C GLY A 401 2.42 -20.55 5.75
N CYS A 402 2.82 -21.82 5.77
CA CYS A 402 3.56 -22.39 6.90
C CYS A 402 4.32 -23.61 6.41
N VAL A 403 5.53 -23.77 6.92
CA VAL A 403 6.39 -24.92 6.63
C VAL A 403 6.98 -25.39 7.96
N ALA A 404 6.95 -26.70 8.20
CA ALA A 404 7.43 -27.23 9.46
C ALA A 404 7.98 -28.64 9.25
N GLN A 405 8.84 -29.05 10.17
CA GLN A 405 9.41 -30.39 10.18
C GLN A 405 8.64 -31.27 11.16
N ALA A 406 8.52 -32.55 10.82
CA ALA A 406 7.79 -33.53 11.63
C ALA A 406 8.73 -34.70 11.92
N PRO A 407 9.61 -34.57 12.91
CA PRO A 407 10.51 -35.68 13.23
C PRO A 407 9.74 -36.89 13.75
N ASN A 408 10.15 -38.06 13.27
CA ASN A 408 9.62 -39.36 13.70
C ASN A 408 8.18 -39.59 13.28
N ALA A 409 7.58 -38.68 12.52
CA ALA A 409 6.19 -38.84 12.12
C ALA A 409 6.06 -39.93 11.07
N ILE A 410 5.11 -40.84 11.28
CA ILE A 410 4.83 -41.88 10.29
C ILE A 410 3.91 -41.39 9.19
N LEU A 411 3.19 -40.29 9.41
CA LEU A 411 2.33 -39.69 8.40
C LEU A 411 2.42 -38.18 8.51
N GLU A 412 2.68 -37.52 7.39
CA GLU A 412 2.73 -36.07 7.33
C GLU A 412 1.54 -35.54 6.55
N VAL A 413 1.11 -34.33 6.90
CA VAL A 413 -0.11 -33.73 6.37
C VAL A 413 0.24 -32.44 5.65
N HIS A 414 -0.32 -32.26 4.46
CA HIS A 414 -0.20 -31.02 3.70
C HIS A 414 -1.60 -30.47 3.45
N VAL A 415 -1.78 -29.18 3.70
CA VAL A 415 -3.08 -28.53 3.59
C VAL A 415 -2.99 -27.41 2.56
N LEU A 416 -4.00 -27.33 1.70
CA LEU A 416 -4.06 -26.32 0.64
C LEU A 416 -5.43 -25.66 0.66
N PHE A 417 -5.47 -24.37 1.00
CA PHE A 417 -6.68 -23.55 0.91
C PHE A 417 -6.66 -22.82 -0.42
N LEU A 418 -7.46 -23.31 -1.37
CA LEU A 418 -7.46 -22.79 -2.73
C LEU A 418 -8.72 -21.95 -2.95
N GLU A 419 -8.53 -20.76 -3.51
CA GLU A 419 -9.62 -19.83 -3.74
C GLU A 419 -9.65 -19.43 -5.21
N PHE A 420 -10.84 -19.43 -5.79
CA PHE A 420 -10.99 -19.18 -7.22
C PHE A 420 -12.13 -18.21 -7.46
N PRO A 421 -12.05 -17.40 -8.54
CA PRO A 421 -13.18 -16.52 -8.88
C PRO A 421 -14.41 -17.31 -9.31
N THR A 422 -15.49 -16.60 -9.62
CA THR A 422 -16.70 -17.25 -10.10
C THR A 422 -16.41 -18.08 -11.34
N GLY A 423 -17.07 -19.23 -11.43
CA GLY A 423 -16.96 -20.07 -12.60
C GLY A 423 -16.03 -21.25 -12.40
N PRO A 424 -16.13 -22.24 -13.28
CA PRO A 424 -15.22 -23.39 -13.18
C PRO A 424 -13.79 -23.00 -13.52
N SER A 425 -12.85 -23.65 -12.84
CA SER A 425 -11.44 -23.33 -12.99
C SER A 425 -10.66 -24.63 -13.21
N GLN A 426 -9.50 -24.50 -13.85
CA GLN A 426 -8.62 -25.63 -14.11
C GLN A 426 -7.34 -25.46 -13.30
N LEU A 427 -6.88 -26.55 -12.69
CA LEU A 427 -5.70 -26.50 -11.85
C LEU A 427 -4.82 -27.72 -12.10
N GLU A 428 -3.51 -27.49 -12.10
CA GLU A 428 -2.51 -28.56 -12.17
C GLU A 428 -1.80 -28.62 -10.81
N LEU A 429 -1.91 -29.76 -10.15
CA LEU A 429 -1.30 -29.97 -8.85
C LEU A 429 -0.39 -31.19 -8.92
N THR A 430 0.89 -31.00 -8.56
CA THR A 430 1.88 -32.07 -8.58
C THR A 430 2.55 -32.17 -7.22
N LEU A 431 2.52 -33.37 -6.63
CA LEU A 431 3.22 -33.67 -5.40
C LEU A 431 4.51 -34.41 -5.75
N GLN A 432 5.64 -33.85 -5.33
CA GLN A 432 6.96 -34.38 -5.67
C GLN A 432 7.49 -35.20 -4.50
N ALA A 433 7.82 -36.46 -4.77
CA ALA A 433 8.25 -37.37 -3.70
C ALA A 433 9.62 -36.98 -3.18
N SER A 434 9.82 -37.18 -1.88
CA SER A 434 11.10 -36.92 -1.24
C SER A 434 12.05 -38.10 -1.43
N LYS A 435 13.34 -37.86 -1.16
CA LYS A 435 14.32 -38.93 -1.20
C LYS A 435 14.14 -39.87 -0.02
N GLN A 436 14.54 -41.13 -0.23
CA GLN A 436 14.36 -42.16 0.77
C GLN A 436 15.62 -42.35 1.61
N PRO A 441 9.17 -44.03 2.59
CA PRO A 441 8.05 -44.92 2.93
C PRO A 441 6.98 -44.24 3.77
N ARG A 442 7.18 -42.96 4.08
CA ARG A 442 6.21 -42.21 4.88
C ARG A 442 4.97 -41.91 4.05
N GLU A 443 3.81 -42.27 4.57
CA GLU A 443 2.55 -41.98 3.89
C GLU A 443 2.11 -40.55 4.17
N VAL A 444 1.41 -39.97 3.20
CA VAL A 444 1.12 -38.54 3.18
C VAL A 444 -0.39 -38.35 3.11
N LEU A 445 -0.86 -37.27 3.74
CA LEU A 445 -2.25 -36.84 3.64
C LEU A 445 -2.29 -35.46 3.00
N LEU A 446 -3.05 -35.34 1.92
CA LEU A 446 -3.27 -34.07 1.25
C LEU A 446 -4.71 -33.62 1.49
N VAL A 447 -4.86 -32.48 2.14
CA VAL A 447 -6.14 -31.88 2.43
C VAL A 447 -6.27 -30.65 1.53
N LEU A 448 -7.18 -30.69 0.56
CA LEU A 448 -7.40 -29.54 -0.30
C LEU A 448 -8.85 -29.09 -0.18
N SER A 449 -9.04 -27.88 0.33
CA SER A 449 -10.34 -27.25 0.36
C SER A 449 -10.41 -26.22 -0.75
N VAL A 450 -11.55 -26.17 -1.44
CA VAL A 450 -11.68 -25.33 -2.61
C VAL A 450 -12.87 -24.38 -2.44
N ASN A 451 -12.72 -23.21 -3.05
CA ASN A 451 -13.66 -22.10 -2.96
C ASN A 451 -14.74 -22.16 -4.03
N SER A 452 -14.51 -22.91 -5.11
CA SER A 452 -15.47 -23.05 -6.18
C SER A 452 -15.25 -24.41 -6.84
N SER A 453 -15.88 -24.61 -7.99
CA SER A 453 -15.73 -25.85 -8.74
C SER A 453 -14.40 -25.85 -9.48
N VAL A 454 -13.72 -27.01 -9.49
CA VAL A 454 -12.37 -27.08 -10.05
C VAL A 454 -12.16 -28.42 -10.76
N PHE A 455 -11.64 -28.35 -11.98
CA PHE A 455 -11.14 -29.50 -12.72
C PHE A 455 -9.63 -29.61 -12.45
N LEU A 456 -9.22 -30.74 -11.90
CA LEU A 456 -7.89 -30.88 -11.30
C LEU A 456 -7.10 -31.98 -12.00
N HIS A 457 -5.86 -31.66 -12.34
CA HIS A 457 -4.88 -32.65 -12.81
C HIS A 457 -3.95 -32.93 -11.62
N LEU A 458 -4.14 -34.08 -10.98
CA LEU A 458 -3.34 -34.46 -9.82
C LEU A 458 -2.28 -35.45 -10.25
N GLN A 459 -1.01 -35.10 -10.02
CA GLN A 459 0.12 -35.98 -10.29
C GLN A 459 0.83 -36.27 -8.98
N ALA A 460 0.74 -37.52 -8.52
CA ALA A 460 1.45 -37.96 -7.31
C ALA A 460 2.04 -39.32 -7.60
N LEU A 461 3.35 -39.36 -7.82
CA LEU A 461 4.03 -40.56 -8.29
C LEU A 461 4.81 -41.20 -7.16
N GLY A 462 4.56 -42.48 -6.92
CA GLY A 462 5.24 -43.22 -5.88
C GLY A 462 5.02 -42.66 -4.49
N ILE A 463 3.90 -41.98 -4.27
CA ILE A 463 3.58 -41.39 -2.98
C ILE A 463 2.43 -42.19 -2.36
N PRO A 464 2.61 -42.81 -1.20
CA PRO A 464 1.46 -43.36 -0.47
C PRO A 464 0.54 -42.24 0.00
N LEU A 465 -0.37 -41.82 -0.89
CA LEU A 465 -1.12 -40.59 -0.70
C LEU A 465 -2.56 -40.88 -0.29
N HIS A 466 -3.07 -40.09 0.65
CA HIS A 466 -4.47 -40.06 1.02
C HIS A 466 -5.02 -38.69 0.68
N LEU A 467 -6.24 -38.64 0.18
CA LEU A 467 -6.86 -37.40 -0.26
C LEU A 467 -7.99 -37.02 0.69
N ALA A 468 -8.18 -35.72 0.88
CA ALA A 468 -9.30 -35.19 1.64
C ALA A 468 -9.82 -33.98 0.91
N TYR A 469 -11.06 -34.05 0.44
CA TYR A 469 -11.59 -32.98 -0.40
C TYR A 469 -13.10 -33.13 -0.51
N ASN A 470 -13.72 -32.18 -1.23
CA ASN A 470 -15.15 -32.20 -1.49
C ASN A 470 -15.39 -32.85 -2.86
N SER A 471 -16.14 -33.96 -2.85
CA SER A 471 -16.38 -34.69 -4.08
C SER A 471 -17.23 -33.90 -5.07
N SER A 472 -18.05 -32.98 -4.57
CA SER A 472 -18.96 -32.25 -5.45
C SER A 472 -18.27 -31.10 -6.17
N LEU A 473 -17.23 -30.53 -5.58
CA LEU A 473 -16.54 -29.40 -6.18
C LEU A 473 -15.36 -29.82 -7.05
N VAL A 474 -14.64 -30.88 -6.65
CA VAL A 474 -13.41 -31.28 -7.33
C VAL A 474 -13.72 -32.40 -8.30
N THR A 475 -13.32 -32.21 -9.55
CA THR A 475 -13.47 -33.19 -10.61
C THR A 475 -12.09 -33.51 -11.17
N PHE A 476 -11.74 -34.79 -11.23
CA PHE A 476 -10.41 -35.22 -11.60
C PHE A 476 -10.32 -35.60 -13.08
N GLN A 477 -9.26 -35.15 -13.74
CA GLN A 477 -8.93 -35.68 -15.06
C GLN A 477 -8.54 -37.15 -14.97
N GLU A 478 -7.86 -37.52 -13.89
CA GLU A 478 -7.47 -38.91 -13.64
C GLU A 478 -7.80 -39.23 -12.18
N PRO A 479 -8.95 -39.83 -11.91
CA PRO A 479 -9.39 -39.99 -10.52
C PRO A 479 -8.82 -41.25 -9.90
N PRO A 480 -8.55 -41.24 -8.59
CA PRO A 480 -8.30 -42.48 -7.86
C PRO A 480 -9.57 -43.02 -7.23
N GLY A 481 -9.58 -44.34 -7.04
CA GLY A 481 -10.76 -45.00 -6.52
C GLY A 481 -10.99 -44.86 -5.03
N VAL A 482 -10.01 -45.29 -4.23
CA VAL A 482 -10.27 -45.63 -2.84
C VAL A 482 -9.65 -44.64 -1.84
N ASN A 483 -8.50 -44.06 -2.14
CA ASN A 483 -7.76 -43.27 -1.15
C ASN A 483 -8.35 -41.85 -1.04
N THR A 484 -9.56 -41.78 -0.49
CA THR A 484 -10.26 -40.50 -0.40
C THR A 484 -11.08 -40.41 0.87
N THR A 485 -11.16 -39.19 1.39
CA THR A 485 -11.98 -38.85 2.55
C THR A 485 -12.76 -37.58 2.23
N GLU A 486 -14.06 -37.62 2.53
CA GLU A 486 -14.94 -36.50 2.29
C GLU A 486 -14.62 -35.37 3.26
N LEU A 487 -14.35 -34.20 2.72
CA LEU A 487 -13.85 -33.10 3.53
C LEU A 487 -14.98 -32.49 4.34
N PRO A 488 -14.91 -32.49 5.67
CA PRO A 488 -15.96 -31.83 6.46
C PRO A 488 -15.98 -30.33 6.19
N SER A 489 -17.15 -29.73 6.42
CA SER A 489 -17.35 -28.30 6.18
C SER A 489 -17.12 -27.57 7.49
N PHE A 490 -15.90 -27.09 7.69
CA PHE A 490 -15.51 -26.31 8.84
C PHE A 490 -14.90 -25.00 8.39
N PRO A 491 -14.72 -24.05 9.29
CA PRO A 491 -13.83 -22.93 9.00
C PRO A 491 -12.40 -23.44 8.80
N LYS A 492 -11.55 -22.55 8.29
CA LYS A 492 -10.22 -22.96 7.87
C LYS A 492 -9.38 -23.44 9.07
N THR A 493 -9.35 -22.64 10.14
CA THR A 493 -8.60 -23.01 11.34
C THR A 493 -9.03 -24.40 11.84
N GLN A 494 -10.34 -24.65 11.84
CA GLN A 494 -10.85 -25.94 12.29
C GLN A 494 -10.48 -27.05 11.31
N ILE A 495 -10.40 -26.73 10.01
CA ILE A 495 -9.87 -27.70 9.05
C ILE A 495 -8.44 -28.06 9.42
N LEU A 496 -7.63 -27.05 9.76
CA LEU A 496 -6.25 -27.31 10.14
C LEU A 496 -6.17 -28.23 11.35
N GLU A 497 -7.00 -27.99 12.36
CA GLU A 497 -6.95 -28.83 13.54
C GLU A 497 -7.47 -30.23 13.26
N TRP A 498 -8.55 -30.34 12.48
CA TRP A 498 -9.06 -31.64 12.08
C TRP A 498 -7.98 -32.45 11.36
N ALA A 499 -7.25 -31.81 10.45
CA ALA A 499 -6.17 -32.49 9.75
C ALA A 499 -5.04 -32.85 10.70
N ALA A 500 -4.72 -31.96 11.64
CA ALA A 500 -3.70 -32.24 12.63
C ALA A 500 -4.07 -33.41 13.52
N GLU A 501 -5.36 -33.76 13.62
CA GLU A 501 -5.76 -34.92 14.40
C GLU A 501 -5.36 -36.23 13.74
N ARG A 502 -5.03 -36.19 12.45
CA ARG A 502 -4.51 -37.37 11.76
C ARG A 502 -2.99 -37.43 11.83
N GLY A 503 -2.31 -36.31 11.62
CA GLY A 503 -0.88 -36.26 11.68
C GLY A 503 -0.37 -34.83 11.70
N PRO A 504 0.91 -34.66 11.99
CA PRO A 504 1.47 -33.30 12.00
C PRO A 504 1.42 -32.67 10.62
N ILE A 505 1.28 -31.35 10.60
CA ILE A 505 1.14 -30.60 9.36
C ILE A 505 2.53 -30.08 9.00
N THR A 506 3.07 -30.55 7.89
CA THR A 506 4.40 -30.12 7.44
C THR A 506 4.34 -28.86 6.59
N SER A 507 3.26 -28.66 5.84
CA SER A 507 3.11 -27.42 5.07
C SER A 507 1.63 -27.08 4.92
N ALA A 508 1.35 -25.79 4.82
CA ALA A 508 0.01 -25.32 4.53
C ALA A 508 0.10 -24.00 3.79
N ALA A 509 -0.88 -23.72 2.95
CA ALA A 509 -0.83 -22.51 2.14
C ALA A 509 -2.22 -22.15 1.65
N GLU A 510 -2.49 -20.85 1.61
CA GLU A 510 -3.70 -20.28 1.03
C GLU A 510 -3.29 -19.62 -0.29
N LEU A 511 -3.78 -20.16 -1.41
CA LEU A 511 -3.44 -19.66 -2.73
C LEU A 511 -4.69 -19.09 -3.40
N ASN A 512 -4.55 -17.93 -4.03
CA ASN A 512 -5.66 -17.26 -4.70
C ASN A 512 -5.55 -17.47 -6.20
N ASP A 513 -6.55 -18.12 -6.77
CA ASP A 513 -6.64 -18.36 -8.21
C ASP A 513 -5.34 -18.95 -8.75
N PRO A 514 -4.84 -20.04 -8.18
CA PRO A 514 -3.62 -20.64 -8.71
C PRO A 514 -3.87 -21.27 -10.06
N GLN A 515 -2.96 -21.03 -10.99
CA GLN A 515 -3.00 -21.75 -12.26
C GLN A 515 -2.27 -23.08 -12.16
N SER A 516 -1.13 -23.11 -11.48
CA SER A 516 -0.42 -24.38 -11.32
C SER A 516 0.26 -24.41 -9.97
N ILE A 517 0.38 -25.63 -9.41
CA ILE A 517 0.99 -25.81 -8.09
C ILE A 517 1.93 -26.99 -8.12
N LEU A 518 3.11 -26.81 -7.50
CA LEU A 518 4.06 -27.88 -7.25
C LEU A 518 4.34 -27.92 -5.76
N LEU A 519 4.23 -29.12 -5.18
CA LEU A 519 4.47 -29.36 -3.77
C LEU A 519 5.59 -30.37 -3.63
N ARG A 520 6.66 -29.99 -2.94
CA ARG A 520 7.82 -30.85 -2.75
C ARG A 520 7.85 -31.38 -1.33
N LEU A 521 7.83 -32.70 -1.18
CA LEU A 521 7.90 -33.34 0.12
C LEU A 521 9.34 -33.41 0.62
N GLY A 522 9.50 -33.32 1.93
CA GLY A 522 10.81 -33.47 2.55
C GLY A 522 11.76 -32.32 2.31
N GLN A 523 11.27 -31.17 1.86
CA GLN A 523 12.10 -29.99 1.64
C GLN A 523 12.04 -29.02 2.82
N ALA A 524 11.52 -29.45 3.97
CA ALA A 524 11.29 -28.55 5.08
C ALA A 524 12.53 -27.72 5.39
N GLN A 525 12.33 -26.40 5.51
CA GLN A 525 13.42 -25.46 5.68
C GLN A 525 13.61 -25.13 7.16
N GLY A 526 14.87 -24.91 7.54
CA GLY A 526 15.21 -24.60 8.91
C GLY A 526 14.65 -25.62 9.87
N SER A 527 14.45 -25.22 11.13
CA SER A 527 13.88 -26.09 12.15
C SER A 527 12.68 -25.39 12.76
N LEU A 528 11.49 -25.75 12.29
CA LEU A 528 10.23 -25.26 12.86
C LEU A 528 9.29 -26.44 12.95
N SER A 529 8.88 -26.78 14.18
CA SER A 529 8.16 -28.03 14.41
C SER A 529 6.66 -27.88 14.29
N PHE A 530 6.12 -26.68 14.50
CA PHE A 530 4.69 -26.43 14.37
C PHE A 530 4.42 -25.51 13.19
N CYS A 531 3.40 -25.87 12.42
CA CYS A 531 3.03 -25.14 11.22
C CYS A 531 1.98 -24.09 11.58
N MET A 532 2.37 -22.82 11.54
CA MET A 532 1.46 -21.72 11.83
C MET A 532 1.41 -20.77 10.66
N LEU A 533 0.19 -20.44 10.24
CA LEU A 533 0.00 -19.60 9.08
C LEU A 533 0.50 -18.18 9.36
N GLU A 534 1.33 -17.69 8.45
CA GLU A 534 1.83 -16.32 8.50
C GLU A 534 1.57 -15.68 7.15
N ALA A 535 1.20 -14.40 7.17
CA ALA A 535 0.88 -13.69 5.95
C ALA A 535 2.14 -13.48 5.11
N SER A 536 1.99 -13.59 3.78
CA SER A 536 3.07 -13.34 2.84
C SER A 536 4.29 -14.22 3.16
N GLN A 537 4.04 -15.48 3.49
CA GLN A 537 5.11 -16.40 3.81
C GLN A 537 5.82 -16.86 2.54
N ASP A 538 7.11 -17.12 2.68
CA ASP A 538 7.93 -17.71 1.62
C ASP A 538 8.06 -19.20 1.92
N MET A 539 7.46 -20.02 1.06
CA MET A 539 7.47 -21.47 1.26
C MET A 539 8.80 -22.11 0.88
N GLY A 540 9.76 -21.32 0.42
CA GLY A 540 11.06 -21.86 0.09
C GLY A 540 10.97 -22.88 -1.03
N ARG A 541 11.61 -24.03 -0.82
CA ARG A 541 11.59 -25.11 -1.81
C ARG A 541 10.36 -25.99 -1.69
N THR A 542 9.55 -25.83 -0.63
CA THR A 542 8.44 -26.74 -0.41
C THR A 542 7.33 -26.53 -1.44
N LEU A 543 7.03 -25.28 -1.79
CA LEU A 543 5.88 -25.00 -2.64
C LEU A 543 6.24 -23.95 -3.68
N GLU A 544 5.88 -24.21 -4.93
CA GLU A 544 6.10 -23.26 -6.03
C GLU A 544 4.88 -23.28 -6.93
N TRP A 545 4.27 -22.12 -7.15
CA TRP A 545 3.01 -22.08 -7.89
C TRP A 545 2.99 -20.90 -8.86
N ARG A 546 2.22 -21.08 -9.95
CA ARG A 546 2.00 -20.06 -10.95
C ARG A 546 0.62 -19.45 -10.75
N PRO A 547 0.51 -18.19 -10.33
CA PRO A 547 -0.81 -17.55 -10.19
C PRO A 547 -1.40 -17.17 -11.53
N ARG A 548 -2.73 -17.10 -11.56
CA ARG A 548 -3.44 -16.80 -12.80
C ARG A 548 -3.41 -15.31 -13.12
N THR A 549 -3.50 -14.46 -12.11
CA THR A 549 -3.43 -13.03 -12.36
C THR A 549 -2.00 -12.67 -12.79
N PRO A 550 -1.83 -11.91 -13.87
CA PRO A 550 -0.47 -11.58 -14.32
C PRO A 550 0.06 -10.33 -13.63
N ALA A 551 1.37 -10.14 -13.76
CA ALA A 551 2.01 -8.97 -13.19
C ALA A 551 1.55 -7.71 -13.91
N LEU A 552 1.80 -6.57 -13.27
CA LEU A 552 1.51 -5.27 -13.86
C LEU A 552 2.72 -4.84 -14.70
N VAL A 553 2.53 -4.77 -16.00
CA VAL A 553 3.57 -4.34 -16.92
C VAL A 553 3.43 -2.84 -17.16
N ARG A 554 4.55 -2.14 -17.14
CA ARG A 554 4.57 -0.69 -17.33
C ARG A 554 5.67 -0.32 -18.32
N GLY A 555 5.60 0.91 -18.81
CA GLY A 555 6.56 1.39 -19.79
C GLY A 555 6.47 2.89 -19.92
N CYS A 556 7.31 3.43 -20.81
CA CYS A 556 7.32 4.87 -21.04
C CYS A 556 8.28 5.16 -22.20
N HIS A 557 8.29 6.43 -22.61
CA HIS A 557 9.22 6.95 -23.59
C HIS A 557 10.22 7.84 -22.87
N LEU A 558 11.51 7.65 -23.17
CA LEU A 558 12.57 8.46 -22.58
C LEU A 558 12.84 9.62 -23.53
N GLU A 559 12.53 10.84 -23.07
CA GLU A 559 12.62 12.02 -23.91
C GLU A 559 14.07 12.41 -24.14
N GLY A 560 14.35 12.97 -25.32
CA GLY A 560 15.68 13.41 -25.66
C GLY A 560 16.66 12.29 -25.92
N VAL A 561 16.17 11.13 -26.34
CA VAL A 561 17.00 9.97 -26.65
C VAL A 561 16.77 9.60 -28.10
N ALA A 562 17.84 9.61 -28.89
CA ALA A 562 17.74 9.38 -30.33
C ALA A 562 17.56 7.89 -30.61
N GLY A 563 17.13 7.60 -31.85
CA GLY A 563 17.02 6.24 -32.32
C GLY A 563 15.91 5.46 -31.63
N HIS A 564 15.71 4.24 -32.11
CA HIS A 564 14.73 3.30 -31.58
C HIS A 564 15.48 2.17 -30.89
N LYS A 565 15.42 2.14 -29.56
CA LYS A 565 16.02 1.07 -28.78
C LYS A 565 15.11 0.76 -27.60
N GLU A 566 14.70 -0.50 -27.49
CA GLU A 566 13.76 -0.93 -26.47
C GLU A 566 14.50 -1.38 -25.21
N ALA A 567 13.95 -1.00 -24.05
CA ALA A 567 14.47 -1.43 -22.76
C ALA A 567 13.40 -2.23 -22.05
N HIS A 568 13.74 -3.45 -21.65
CA HIS A 568 12.85 -4.32 -20.89
C HIS A 568 13.46 -4.49 -19.50
N ILE A 569 12.74 -4.05 -18.47
CA ILE A 569 13.26 -4.01 -17.11
C ILE A 569 12.43 -4.93 -16.23
N LEU A 570 13.11 -5.79 -15.48
CA LEU A 570 12.49 -6.66 -14.49
C LEU A 570 13.22 -6.47 -13.17
N ARG A 571 12.49 -6.02 -12.15
CA ARG A 571 13.07 -5.70 -10.86
C ARG A 571 12.50 -6.67 -9.83
N VAL A 572 13.33 -7.59 -9.35
CA VAL A 572 12.93 -8.54 -8.33
C VAL A 572 13.09 -7.90 -6.96
N LEU A 573 12.11 -8.09 -6.10
CA LEU A 573 12.06 -7.44 -4.81
C LEU A 573 12.58 -8.37 -3.72
N PRO A 574 13.15 -7.81 -2.64
CA PRO A 574 13.68 -8.64 -1.54
C PRO A 574 12.59 -9.42 -0.82
N ALA A 578 15.73 -15.04 1.70
CA ALA A 578 16.95 -14.27 1.91
C ALA A 578 18.17 -15.18 1.79
N GLY A 579 18.31 -15.84 0.64
CA GLY A 579 19.44 -16.70 0.38
C GLY A 579 19.71 -16.80 -1.10
N PRO A 580 20.78 -17.52 -1.47
CA PRO A 580 21.11 -17.65 -2.90
C PRO A 580 19.95 -18.20 -3.70
N ARG A 581 19.55 -17.46 -4.74
CA ARG A 581 18.37 -17.78 -5.53
C ARG A 581 18.67 -17.53 -7.00
N THR A 582 18.31 -18.49 -7.85
CA THR A 582 18.48 -18.36 -9.29
C THR A 582 17.11 -18.12 -9.92
N VAL A 583 16.91 -16.92 -10.45
CA VAL A 583 15.65 -16.55 -11.10
C VAL A 583 15.78 -16.82 -12.60
N THR A 584 14.94 -17.72 -13.11
CA THR A 584 14.90 -17.98 -14.54
C THR A 584 14.00 -16.92 -15.20
N VAL A 585 14.50 -16.34 -16.29
CA VAL A 585 13.82 -15.25 -16.99
C VAL A 585 13.72 -15.67 -18.46
N LYS A 586 12.49 -15.90 -18.92
CA LYS A 586 12.22 -16.23 -20.31
C LYS A 586 11.62 -15.02 -21.01
N VAL A 587 12.19 -14.66 -22.16
CA VAL A 587 11.77 -13.48 -22.92
C VAL A 587 11.40 -13.94 -24.32
N GLU A 588 10.18 -13.61 -24.74
CA GLU A 588 9.69 -13.92 -26.08
C GLU A 588 9.23 -12.62 -26.72
N LEU A 589 10.00 -12.15 -27.70
CA LEU A 589 9.69 -10.92 -28.42
C LEU A 589 9.07 -11.26 -29.76
N SER A 590 7.85 -10.77 -29.99
CA SER A 590 7.10 -11.08 -31.19
C SER A 590 7.10 -9.89 -32.14
N CYS A 591 7.07 -10.19 -33.44
CA CYS A 591 7.09 -9.15 -34.47
C CYS A 591 8.32 -8.28 -34.38
N ALA A 592 9.42 -8.83 -33.88
CA ALA A 592 10.66 -8.07 -33.75
C ALA A 592 11.32 -7.95 -35.11
N PRO A 593 11.80 -6.77 -35.51
CA PRO A 593 12.47 -6.64 -36.80
C PRO A 593 13.72 -7.50 -36.86
N GLY A 594 14.11 -7.85 -38.09
CA GLY A 594 15.29 -8.65 -38.31
C GLY A 594 16.47 -8.18 -37.48
N ASP A 595 16.70 -6.88 -37.48
CA ASP A 595 17.71 -6.25 -36.64
C ASP A 595 16.97 -5.35 -35.64
N LEU A 596 16.88 -5.81 -34.40
CA LEU A 596 16.24 -5.07 -33.32
C LEU A 596 17.27 -4.79 -32.23
N ASP A 597 17.33 -3.53 -31.78
CA ASP A 597 18.25 -3.12 -30.72
C ASP A 597 17.48 -3.07 -29.41
N ALA A 598 17.74 -4.02 -28.52
CA ALA A 598 17.00 -4.13 -27.28
C ALA A 598 17.94 -4.61 -26.17
N VAL A 599 17.63 -4.20 -24.95
CA VAL A 599 18.41 -4.55 -23.77
C VAL A 599 17.47 -5.12 -22.72
N LEU A 600 17.99 -6.08 -21.95
CA LEU A 600 17.26 -6.69 -20.85
C LEU A 600 17.95 -6.29 -19.55
N ILE A 601 17.23 -5.56 -18.69
CA ILE A 601 17.77 -5.10 -17.43
C ILE A 601 17.11 -5.90 -16.31
N LEU A 602 17.93 -6.63 -15.56
CA LEU A 602 17.46 -7.49 -14.47
C LEU A 602 18.08 -6.98 -13.17
N GLN A 603 17.25 -6.43 -12.30
CA GLN A 603 17.69 -5.91 -11.01
C GLN A 603 17.08 -6.73 -9.89
N GLY A 604 17.90 -7.05 -8.89
CA GLY A 604 17.46 -7.83 -7.76
C GLY A 604 18.43 -7.72 -6.60
N PRO A 605 18.11 -8.36 -5.48
CA PRO A 605 18.99 -8.29 -4.31
C PRO A 605 20.36 -8.89 -4.60
N PRO A 606 21.31 -8.74 -3.68
CA PRO A 606 22.65 -9.28 -3.92
C PRO A 606 22.69 -10.79 -4.10
N TYR A 607 21.73 -11.52 -3.53
CA TYR A 607 21.75 -12.97 -3.52
C TYR A 607 21.11 -13.59 -4.75
N VAL A 608 20.71 -12.80 -5.74
CA VAL A 608 19.98 -13.30 -6.89
C VAL A 608 20.92 -13.41 -8.08
N SER A 609 20.99 -14.61 -8.66
CA SER A 609 21.58 -14.84 -9.97
C SER A 609 20.47 -15.01 -10.99
N TRP A 610 20.76 -14.66 -12.24
CA TRP A 610 19.77 -14.70 -13.31
C TRP A 610 20.13 -15.78 -14.30
N LEU A 611 19.15 -16.63 -14.64
CA LEU A 611 19.30 -17.61 -15.70
C LEU A 611 18.42 -17.17 -16.86
N ILE A 612 19.04 -16.75 -17.96
CA ILE A 612 18.35 -16.03 -19.03
C ILE A 612 18.10 -16.97 -20.20
N ASP A 613 16.87 -16.95 -20.71
CA ASP A 613 16.50 -17.63 -21.94
C ASP A 613 15.68 -16.66 -22.78
N ALA A 614 16.19 -16.28 -23.95
CA ALA A 614 15.52 -15.33 -24.81
C ALA A 614 15.49 -15.85 -26.24
N ASN A 615 14.38 -15.58 -26.94
CA ASN A 615 14.25 -15.94 -28.34
C ASN A 615 14.95 -14.94 -29.25
N HIS A 616 15.53 -13.88 -28.70
CA HIS A 616 16.18 -12.83 -29.47
C HIS A 616 17.50 -12.48 -28.82
N ASN A 617 18.45 -12.01 -29.63
CA ASN A 617 19.78 -11.65 -29.16
C ASN A 617 19.76 -10.19 -28.74
N MET A 618 19.86 -9.94 -27.44
CA MET A 618 19.72 -8.59 -26.89
C MET A 618 20.77 -8.35 -25.82
N GLN A 619 21.09 -7.07 -25.63
CA GLN A 619 22.03 -6.67 -24.59
C GLN A 619 21.55 -7.16 -23.23
N ILE A 620 22.50 -7.37 -22.32
CA ILE A 620 22.21 -7.90 -20.99
C ILE A 620 22.82 -6.98 -19.95
N TRP A 621 22.00 -6.53 -19.00
CA TRP A 621 22.41 -5.61 -17.95
C TRP A 621 21.78 -6.09 -16.65
N THR A 622 22.59 -6.65 -15.74
CA THR A 622 22.03 -7.30 -14.56
C THR A 622 22.88 -7.00 -13.33
N THR A 623 22.32 -7.37 -12.18
CA THR A 623 23.03 -7.38 -10.91
C THR A 623 23.54 -8.79 -10.64
N GLY A 624 24.28 -8.95 -9.55
CA GLY A 624 24.78 -10.26 -9.18
C GLY A 624 25.60 -10.88 -10.29
N GLU A 625 25.15 -12.03 -10.79
CA GLU A 625 25.72 -12.65 -11.97
C GLU A 625 24.59 -13.27 -12.78
N TYR A 626 24.86 -13.47 -14.06
CA TYR A 626 23.88 -14.09 -14.94
C TYR A 626 24.55 -15.15 -15.80
N SER A 627 23.72 -16.09 -16.27
CA SER A 627 24.17 -17.17 -17.12
C SER A 627 23.03 -17.48 -18.10
N PHE A 628 23.39 -17.79 -19.34
CA PHE A 628 22.39 -18.15 -20.32
C PHE A 628 21.91 -19.58 -20.08
N LYS A 629 20.63 -19.81 -20.40
CA LYS A 629 20.09 -21.17 -20.27
C LYS A 629 20.87 -22.16 -21.11
N ILE A 630 21.48 -21.69 -22.21
CA ILE A 630 22.24 -22.57 -23.08
C ILE A 630 23.61 -22.92 -22.51
N PHE A 631 24.10 -22.15 -21.53
CA PHE A 631 25.42 -22.34 -20.93
C PHE A 631 25.29 -22.28 -19.42
N PRO A 632 24.80 -23.36 -18.80
CA PRO A 632 24.52 -23.30 -17.36
C PRO A 632 25.71 -22.90 -16.50
N GLU A 633 26.87 -23.53 -16.71
CA GLU A 633 27.99 -23.35 -15.79
C GLU A 633 28.83 -22.12 -16.10
N LYS A 634 28.66 -21.49 -17.27
CA LYS A 634 29.40 -20.27 -17.57
C LYS A 634 28.72 -19.08 -16.89
N ASN A 635 29.44 -18.45 -15.98
CA ASN A 635 28.90 -17.37 -15.16
C ASN A 635 29.53 -16.04 -15.59
N ILE A 636 28.67 -15.06 -15.86
CA ILE A 636 29.10 -13.70 -16.20
C ILE A 636 28.72 -12.79 -15.03
N ARG A 637 29.71 -12.09 -14.48
CA ARG A 637 29.47 -11.22 -13.36
C ARG A 637 28.65 -10.00 -13.79
N GLY A 638 27.65 -9.66 -12.98
CA GLY A 638 26.84 -8.49 -13.25
C GLY A 638 27.47 -7.22 -12.73
N PHE A 639 26.74 -6.12 -12.94
CA PHE A 639 27.18 -4.80 -12.50
C PHE A 639 26.42 -4.37 -11.25
N LYS A 640 26.79 -3.22 -10.72
CA LYS A 640 26.08 -2.58 -9.62
C LYS A 640 25.06 -1.62 -10.23
N LEU A 641 23.77 -1.93 -10.03
CA LEU A 641 22.72 -1.18 -10.69
C LEU A 641 21.94 -0.33 -9.68
N PRO A 642 21.32 0.77 -10.15
CA PRO A 642 20.49 1.56 -9.25
C PRO A 642 19.40 0.72 -8.59
N ASP A 643 19.00 1.13 -7.40
CA ASP A 643 18.01 0.38 -6.63
C ASP A 643 16.58 0.81 -6.92
N THR A 644 16.36 2.09 -7.22
CA THR A 644 15.01 2.61 -7.38
C THR A 644 14.52 2.39 -8.80
N PRO A 645 13.19 2.46 -9.01
CA PRO A 645 12.67 2.38 -10.39
C PRO A 645 13.17 3.49 -11.28
N GLN A 646 13.16 4.73 -10.78
CA GLN A 646 13.71 5.84 -11.57
C GLN A 646 15.20 5.66 -11.80
N GLY A 647 15.91 5.05 -10.86
CA GLY A 647 17.32 4.75 -11.09
C GLY A 647 17.52 3.81 -12.26
N LEU A 648 16.71 2.75 -12.33
CA LEU A 648 16.80 1.81 -13.45
C LEU A 648 16.40 2.49 -14.75
N LEU A 649 15.38 3.34 -14.73
CA LEU A 649 15.01 4.08 -15.93
C LEU A 649 16.16 4.97 -16.39
N GLY A 650 16.87 5.59 -15.45
CA GLY A 650 18.04 6.37 -15.82
C GLY A 650 19.14 5.51 -16.39
N GLU A 651 19.33 4.31 -15.82
CA GLU A 651 20.30 3.37 -16.40
C GLU A 651 19.91 3.02 -17.83
N ALA A 652 18.60 2.91 -18.10
CA ALA A 652 18.15 2.67 -19.46
C ALA A 652 18.46 3.85 -20.36
N ARG A 653 18.32 5.08 -19.84
CA ARG A 653 18.68 6.24 -20.62
C ARG A 653 20.17 6.25 -20.94
N MET A 654 21.00 5.92 -19.96
CA MET A 654 22.44 5.82 -20.21
C MET A 654 22.75 4.82 -21.33
N LEU A 655 21.95 3.77 -21.45
CA LEU A 655 22.14 2.77 -22.49
C LEU A 655 21.55 3.19 -23.83
N ASN A 656 21.13 4.44 -23.97
CA ASN A 656 20.58 4.98 -25.22
C ASN A 656 19.28 4.28 -25.60
N ALA A 657 18.45 4.01 -24.60
CA ALA A 657 17.12 3.45 -24.84
C ALA A 657 16.12 4.59 -24.93
N SER A 658 15.48 4.73 -26.10
CA SER A 658 14.46 5.76 -26.26
C SER A 658 13.13 5.33 -25.65
N ILE A 659 12.86 4.03 -25.61
CA ILE A 659 11.57 3.50 -25.20
C ILE A 659 11.79 2.41 -24.17
N VAL A 660 11.12 2.52 -23.03
CA VAL A 660 11.05 1.45 -22.05
C VAL A 660 9.79 0.65 -22.38
N ALA A 661 9.98 -0.52 -23.01
CA ALA A 661 8.83 -1.30 -23.45
C ALA A 661 8.20 -2.09 -22.31
N SER A 662 9.01 -2.56 -21.36
CA SER A 662 8.51 -3.39 -20.27
C SER A 662 9.13 -2.96 -18.95
N PHE A 663 8.30 -2.83 -17.93
CA PHE A 663 8.76 -2.55 -16.57
C PHE A 663 7.90 -3.34 -15.60
N VAL A 664 8.51 -4.27 -14.89
CA VAL A 664 7.80 -5.17 -13.99
C VAL A 664 8.56 -5.27 -12.68
N GLU A 665 7.82 -5.34 -11.57
CA GLU A 665 8.39 -5.52 -10.25
C GLU A 665 7.70 -6.70 -9.59
N LEU A 666 8.50 -7.68 -9.16
CA LEU A 666 7.96 -8.91 -8.60
C LEU A 666 8.76 -9.33 -7.39
N PRO A 667 8.13 -10.00 -6.42
CA PRO A 667 8.89 -10.56 -5.30
C PRO A 667 9.18 -12.05 -5.47
N LEU A 668 10.32 -12.50 -4.95
CA LEU A 668 10.59 -13.91 -4.68
C LEU A 668 10.14 -14.82 -5.83
N ALA A 669 10.48 -14.45 -7.05
CA ALA A 669 10.08 -15.22 -8.22
C ALA A 669 11.12 -16.27 -8.56
N SER A 670 10.65 -17.46 -8.95
CA SER A 670 11.52 -18.54 -9.41
C SER A 670 11.71 -18.48 -10.93
N ILE A 671 10.61 -18.50 -11.67
CA ILE A 671 10.63 -18.41 -13.13
C ILE A 671 9.79 -17.19 -13.52
N VAL A 672 10.24 -16.48 -14.55
CA VAL A 672 9.56 -15.29 -15.04
C VAL A 672 9.54 -15.33 -16.56
N SER A 673 8.34 -15.39 -17.14
CA SER A 673 8.14 -15.38 -18.58
C SER A 673 7.57 -14.04 -19.00
N LEU A 674 8.33 -13.32 -19.82
CA LEU A 674 7.93 -12.03 -20.37
C LEU A 674 7.62 -12.19 -21.84
N HIS A 675 6.62 -11.43 -22.30
CA HIS A 675 6.21 -11.42 -23.70
C HIS A 675 5.90 -9.99 -24.10
N ALA A 676 6.48 -9.56 -25.22
CA ALA A 676 6.28 -8.21 -25.72
C ALA A 676 6.24 -8.24 -27.24
N SER A 677 5.34 -7.45 -27.82
CA SER A 677 5.18 -7.38 -29.26
C SER A 677 5.32 -5.96 -29.77
C1 GLC B . -4.81 11.51 8.63
C2 GLC B . -4.85 12.40 7.39
C3 GLC B . -3.59 12.25 6.57
C4 GLC B . -2.36 12.43 7.45
C5 GLC B . -2.45 11.54 8.70
C6 GLC B . -1.27 11.78 9.64
O1 GLC B . -4.75 10.16 8.23
O2 GLC B . -5.98 12.05 6.61
O3 GLC B . -3.58 13.22 5.54
O4 GLC B . -1.19 12.09 6.73
O5 GLC B . -3.66 11.83 9.39
O6 GLC B . -1.22 10.76 10.60
C1 GLC B . -0.44 13.13 6.12
C2 GLC B . -0.18 12.79 4.67
C3 GLC B . 0.63 11.51 4.55
C4 GLC B . 1.86 11.58 5.44
C5 GLC B . 1.55 12.10 6.84
C6 GLC B . 2.85 12.38 7.58
O2 GLC B . -1.40 12.64 3.97
O3 GLC B . 1.03 11.30 3.22
O4 GLC B . 2.42 10.28 5.55
O5 GLC B . 0.79 13.29 6.78
O6 GLC B . 2.58 12.86 8.88
C1 NAG C . -13.28 -17.08 -3.35
C2 NAG C . -14.75 -16.73 -3.56
C3 NAG C . -14.91 -15.22 -3.74
C4 NAG C . -14.22 -14.45 -2.62
C5 NAG C . -12.79 -14.94 -2.42
C6 NAG C . -12.11 -14.33 -1.22
C7 NAG C . -16.51 -17.97 -4.73
C8 NAG C . -16.90 -18.67 -5.99
N2 NAG C . -15.28 -17.44 -4.71
O3 NAG C . -16.29 -14.89 -3.79
O4 NAG C . -14.20 -13.07 -2.93
O5 NAG C . -12.78 -16.35 -2.23
O6 NAG C . -11.98 -15.26 -0.16
O7 NAG C . -17.27 -17.89 -3.77
C1 PGE D . -31.89 -2.61 1.44
O1 PGE D . -31.87 -1.87 0.23
C2 PGE D . -32.73 -3.85 1.26
O2 PGE D . -31.92 -5.01 1.41
C3 PGE D . -32.65 -6.13 1.89
C4 PGE D . -31.75 -7.32 2.12
O4 PGE D . -28.53 -6.85 4.38
C6 PGE D . -28.82 -8.08 3.73
C5 PGE D . -30.32 -8.31 3.69
O3 PGE D . -30.97 -7.13 3.28
C1 PGE E . -7.35 -38.93 6.97
O1 PGE E . -7.85 -40.23 6.74
C2 PGE E . -8.47 -38.01 7.40
O2 PGE E . -8.59 -38.00 8.82
C3 PGE E . -8.58 -36.71 9.39
C4 PGE E . -9.30 -36.76 10.73
O4 PGE E . -8.43 -39.75 13.94
C6 PGE E . -9.57 -39.50 13.12
C5 PGE E . -9.56 -38.04 12.69
O3 PGE E . -8.95 -37.94 11.42
C1 PGE F . 0.95 -30.30 13.76
O1 PGE F . 1.08 -28.92 13.48
C2 PGE F . 0.61 -30.47 15.23
O2 PGE F . -0.46 -29.61 15.54
C3 PGE F . -0.75 -29.53 16.92
C4 PGE F . -1.52 -28.25 17.20
O4 PGE F . -5.33 -27.19 19.82
C6 PGE F . -4.72 -28.18 19.01
C5 PGE F . -3.40 -27.65 18.49
O3 PGE F . -2.83 -28.58 17.59
#